data_2MT8
#
_entry.id   2MT8
#
_entity_poly.entity_id   1
_entity_poly.type   'polypeptide(L)'
_entity_poly.pdbx_seq_one_letter_code
;CEAIYAAPKCRRDSDCPGACICRGNGYCGEAIYAAPFAR
;
_entity_poly.pdbx_strand_id   A
#
# COMPACT_ATOMS: atom_id res chain seq x y z
N CYS A 1 -1.69 4.22 -1.08
CA CYS A 1 -0.44 4.22 -1.81
C CYS A 1 -0.52 3.23 -2.96
N GLU A 2 -1.71 3.10 -3.51
CA GLU A 2 -1.90 2.15 -4.56
C GLU A 2 -1.57 2.83 -5.86
N ALA A 3 -0.85 2.14 -6.68
CA ALA A 3 -0.37 2.62 -7.91
C ALA A 3 -0.21 1.42 -8.76
N ILE A 4 -0.25 1.63 -10.03
CA ILE A 4 -0.16 0.53 -10.95
C ILE A 4 1.22 0.48 -11.59
N TYR A 5 1.75 1.63 -11.91
CA TYR A 5 3.02 1.69 -12.59
C TYR A 5 4.16 1.74 -11.60
N ALA A 6 3.95 2.49 -10.56
CA ALA A 6 4.97 2.73 -9.55
C ALA A 6 4.52 2.18 -8.21
N ALA A 7 4.08 0.96 -8.22
CA ALA A 7 3.57 0.33 -7.04
C ALA A 7 4.69 -0.13 -6.12
N PRO A 8 4.71 0.33 -4.85
CA PRO A 8 5.69 -0.14 -3.87
C PRO A 8 5.32 -1.54 -3.40
N LYS A 9 6.21 -2.49 -3.60
CA LYS A 9 5.94 -3.85 -3.20
C LYS A 9 6.10 -4.02 -1.70
N CYS A 10 5.50 -5.03 -1.17
CA CYS A 10 5.53 -5.24 0.25
C CYS A 10 6.17 -6.56 0.61
N ARG A 11 6.78 -6.59 1.75
CA ARG A 11 7.24 -7.82 2.34
C ARG A 11 6.35 -8.03 3.54
N ARG A 12 6.20 -6.97 4.30
CA ARG A 12 5.34 -6.94 5.44
C ARG A 12 4.65 -5.64 5.53
N ASP A 13 3.56 -5.64 6.24
CA ASP A 13 2.69 -4.50 6.37
C ASP A 13 3.44 -3.30 6.88
N SER A 14 4.35 -3.57 7.78
CA SER A 14 5.13 -2.52 8.39
C SER A 14 6.06 -1.83 7.40
N ASP A 15 6.48 -2.55 6.36
CA ASP A 15 7.35 -1.92 5.36
C ASP A 15 6.58 -1.20 4.29
N CYS A 16 5.29 -1.06 4.50
CA CYS A 16 4.49 -0.29 3.63
C CYS A 16 4.37 1.15 4.13
N PRO A 17 4.48 2.14 3.20
CA PRO A 17 4.45 3.58 3.55
C PRO A 17 3.13 4.03 4.20
N GLY A 18 3.22 5.08 5.01
CA GLY A 18 2.07 5.62 5.68
C GLY A 18 1.47 4.62 6.65
N ALA A 19 0.27 4.20 6.35
CA ALA A 19 -0.41 3.21 7.13
C ALA A 19 -0.86 2.07 6.24
N CYS A 20 -0.30 2.03 5.03
CA CYS A 20 -0.63 1.01 4.05
C CYS A 20 -0.30 -0.37 4.58
N ILE A 21 -1.00 -1.34 4.07
CA ILE A 21 -0.80 -2.70 4.43
C ILE A 21 -0.25 -3.44 3.22
N CYS A 22 0.14 -4.65 3.42
CA CYS A 22 0.64 -5.48 2.35
C CYS A 22 -0.53 -6.21 1.72
N ARG A 23 -0.97 -5.75 0.57
CA ARG A 23 -2.11 -6.31 -0.10
C ARG A 23 -1.80 -7.66 -0.71
N GLY A 24 -2.83 -8.37 -1.09
CA GLY A 24 -2.72 -9.71 -1.64
C GLY A 24 -2.13 -9.76 -3.04
N ASN A 25 -1.84 -8.61 -3.59
CA ASN A 25 -1.22 -8.52 -4.89
C ASN A 25 0.30 -8.51 -4.74
N GLY A 26 0.76 -8.23 -3.53
CA GLY A 26 2.18 -8.24 -3.23
C GLY A 26 2.72 -6.84 -3.17
N TYR A 27 1.81 -5.90 -3.12
CA TYR A 27 2.13 -4.53 -3.11
C TYR A 27 1.43 -3.84 -1.95
N CYS A 28 1.93 -2.71 -1.59
CA CYS A 28 1.37 -1.93 -0.52
C CYS A 28 0.15 -1.16 -0.97
N GLY A 29 -0.83 -1.10 -0.11
CA GLY A 29 -2.01 -0.33 -0.36
C GLY A 29 -2.79 -0.16 0.90
N GLU A 30 -3.68 0.79 0.94
CA GLU A 30 -4.53 1.03 2.09
C GLU A 30 -5.47 -0.18 2.29
N ALA A 31 -6.03 -0.29 3.47
CA ALA A 31 -6.91 -1.38 3.80
C ALA A 31 -8.25 -1.17 3.15
N ILE A 32 -8.79 0.00 3.31
CA ILE A 32 -10.04 0.34 2.68
C ILE A 32 -9.77 1.47 1.72
N TYR A 33 -10.08 1.25 0.49
CA TYR A 33 -9.79 2.19 -0.57
C TYR A 33 -10.72 3.40 -0.48
N ALA A 34 -11.91 3.16 0.01
CA ALA A 34 -12.90 4.20 0.19
C ALA A 34 -12.48 5.15 1.30
N ALA A 35 -11.73 4.63 2.25
CA ALA A 35 -11.24 5.39 3.37
C ALA A 35 -9.99 6.19 3.00
N PRO A 36 -10.08 7.52 2.95
CA PRO A 36 -8.92 8.32 2.73
C PRO A 36 -8.13 8.48 4.01
N PHE A 37 -7.11 7.69 4.14
CA PHE A 37 -6.23 7.79 5.26
C PHE A 37 -4.82 7.74 4.77
N ALA A 38 -4.35 6.58 4.39
CA ALA A 38 -3.04 6.45 3.84
C ALA A 38 -3.02 5.45 2.71
N ARG A 39 -3.33 5.92 1.54
CA ARG A 39 -3.36 5.10 0.37
C ARG A 39 -2.05 5.23 -0.35
N CYS A 1 -0.19 4.80 -1.44
CA CYS A 1 1.07 4.16 -1.74
C CYS A 1 0.93 3.56 -3.12
N GLU A 2 0.08 4.19 -3.88
CA GLU A 2 -0.23 3.77 -5.22
C GLU A 2 0.70 4.44 -6.19
N ALA A 3 1.12 3.71 -7.15
CA ALA A 3 2.09 4.15 -8.10
C ALA A 3 1.95 3.28 -9.33
N ILE A 4 1.85 3.90 -10.46
CA ILE A 4 1.58 3.17 -11.69
C ILE A 4 2.87 2.75 -12.40
N TYR A 5 3.94 3.47 -12.23
CA TYR A 5 5.18 3.10 -12.90
C TYR A 5 5.93 2.14 -12.04
N ALA A 6 5.99 2.46 -10.79
CA ALA A 6 6.71 1.63 -9.86
C ALA A 6 5.92 1.46 -8.60
N ALA A 7 5.06 0.48 -8.59
CA ALA A 7 4.25 0.17 -7.45
C ALA A 7 5.14 -0.42 -6.36
N PRO A 8 5.13 0.17 -5.16
CA PRO A 8 5.93 -0.31 -4.05
C PRO A 8 5.49 -1.68 -3.56
N LYS A 9 6.32 -2.64 -3.81
CA LYS A 9 6.06 -4.01 -3.42
C LYS A 9 6.41 -4.21 -1.95
N CYS A 10 5.76 -5.16 -1.33
CA CYS A 10 5.93 -5.41 0.08
C CYS A 10 6.06 -6.88 0.36
N ARG A 11 6.76 -7.21 1.41
CA ARG A 11 6.90 -8.56 1.89
C ARG A 11 6.05 -8.66 3.13
N ARG A 12 6.06 -7.56 3.87
CA ARG A 12 5.33 -7.40 5.09
C ARG A 12 4.67 -6.07 5.12
N ASP A 13 3.70 -5.93 5.97
CA ASP A 13 2.90 -4.74 6.11
C ASP A 13 3.72 -3.57 6.55
N SER A 14 4.74 -3.86 7.31
CA SER A 14 5.64 -2.86 7.80
C SER A 14 6.51 -2.25 6.69
N ASP A 15 6.53 -2.91 5.54
CA ASP A 15 7.23 -2.37 4.36
C ASP A 15 6.42 -1.23 3.77
N CYS A 16 5.19 -1.15 4.18
CA CYS A 16 4.31 -0.15 3.72
C CYS A 16 4.23 0.96 4.76
N PRO A 17 4.52 2.19 4.37
CA PRO A 17 4.48 3.33 5.27
C PRO A 17 3.11 4.02 5.29
N GLY A 18 3.05 5.13 6.01
CA GLY A 18 1.86 5.92 6.09
C GLY A 18 0.75 5.21 6.79
N ALA A 19 -0.17 4.72 6.02
CA ALA A 19 -1.30 4.01 6.53
C ALA A 19 -1.59 2.81 5.66
N CYS A 20 -0.66 2.51 4.79
CA CYS A 20 -0.85 1.45 3.84
C CYS A 20 -0.49 0.11 4.45
N ILE A 21 -1.12 -0.92 3.96
CA ILE A 21 -0.88 -2.26 4.40
C ILE A 21 -0.36 -3.05 3.22
N CYS A 22 0.06 -4.24 3.46
CA CYS A 22 0.59 -5.06 2.39
C CYS A 22 -0.53 -5.94 1.86
N ARG A 23 -1.01 -5.61 0.68
CA ARG A 23 -2.12 -6.30 0.08
C ARG A 23 -1.69 -7.70 -0.40
N GLY A 24 -2.68 -8.53 -0.71
CA GLY A 24 -2.43 -9.93 -1.09
C GLY A 24 -1.68 -10.12 -2.40
N ASN A 25 -1.51 -9.04 -3.12
CA ASN A 25 -0.80 -9.06 -4.40
C ASN A 25 0.68 -8.85 -4.18
N GLY A 26 1.02 -8.31 -3.03
CA GLY A 26 2.40 -8.10 -2.68
C GLY A 26 2.81 -6.68 -2.91
N TYR A 27 1.84 -5.81 -2.91
CA TYR A 27 2.06 -4.41 -3.09
C TYR A 27 1.42 -3.61 -1.96
N CYS A 28 1.99 -2.47 -1.68
CA CYS A 28 1.51 -1.60 -0.65
C CYS A 28 0.32 -0.80 -1.12
N GLY A 29 -0.73 -0.85 -0.35
CA GLY A 29 -1.90 -0.11 -0.65
C GLY A 29 -2.72 0.07 0.58
N GLU A 30 -3.70 0.91 0.52
CA GLU A 30 -4.56 1.10 1.63
C GLU A 30 -5.57 -0.05 1.70
N ALA A 31 -6.27 -0.16 2.80
CA ALA A 31 -7.28 -1.19 2.98
C ALA A 31 -8.49 -0.85 2.14
N ILE A 32 -8.52 0.39 1.71
CA ILE A 32 -9.51 0.91 0.83
C ILE A 32 -8.87 0.84 -0.56
N TYR A 33 -9.68 0.69 -1.59
CA TYR A 33 -9.18 0.55 -2.95
C TYR A 33 -8.38 1.79 -3.37
N ALA A 34 -9.01 2.91 -3.35
CA ALA A 34 -8.31 4.15 -3.59
C ALA A 34 -7.99 4.75 -2.24
N ALA A 35 -6.73 4.99 -1.98
CA ALA A 35 -6.32 5.49 -0.69
C ALA A 35 -6.74 6.97 -0.56
N PRO A 36 -7.35 7.33 0.57
CA PRO A 36 -7.87 8.70 0.82
C PRO A 36 -6.81 9.80 0.67
N PHE A 37 -5.64 9.59 1.24
CA PHE A 37 -4.61 10.58 1.17
C PHE A 37 -3.27 9.93 1.19
N ALA A 38 -3.06 9.05 2.15
CA ALA A 38 -1.83 8.32 2.26
C ALA A 38 -1.83 7.18 1.27
N ARG A 39 -1.72 7.54 0.02
CA ARG A 39 -1.68 6.60 -1.05
C ARG A 39 -0.28 6.07 -1.19
N CYS A 1 -0.78 5.59 -0.47
CA CYS A 1 0.48 5.25 -1.01
C CYS A 1 0.22 5.17 -2.48
N GLU A 2 0.92 5.93 -3.24
CA GLU A 2 0.72 5.97 -4.65
C GLU A 2 1.56 4.93 -5.32
N ALA A 3 1.02 4.35 -6.36
CA ALA A 3 1.65 3.27 -7.08
C ALA A 3 1.61 3.53 -8.57
N ILE A 4 1.75 4.76 -8.93
CA ILE A 4 1.61 5.15 -10.32
C ILE A 4 2.94 5.05 -11.03
N TYR A 5 3.94 5.65 -10.46
CA TYR A 5 5.24 5.66 -11.09
C TYR A 5 6.07 4.52 -10.55
N ALA A 6 5.84 4.27 -9.30
CA ALA A 6 6.55 3.26 -8.56
C ALA A 6 5.63 2.65 -7.54
N ALA A 7 5.18 1.47 -7.81
CA ALA A 7 4.27 0.76 -6.95
C ALA A 7 5.02 0.15 -5.77
N PRO A 8 4.72 0.60 -4.52
CA PRO A 8 5.39 0.10 -3.33
C PRO A 8 5.11 -1.37 -3.09
N LYS A 9 6.14 -2.17 -3.17
CA LYS A 9 6.04 -3.60 -2.98
C LYS A 9 6.25 -3.90 -1.50
N CYS A 10 5.81 -5.03 -1.06
CA CYS A 10 5.94 -5.40 0.32
C CYS A 10 6.01 -6.90 0.51
N ARG A 11 6.55 -7.30 1.64
CA ARG A 11 6.51 -8.67 2.09
C ARG A 11 5.77 -8.68 3.42
N ARG A 12 6.00 -7.64 4.17
CA ARG A 12 5.34 -7.41 5.42
C ARG A 12 4.70 -6.05 5.40
N ASP A 13 3.72 -5.89 6.22
CA ASP A 13 2.92 -4.69 6.29
C ASP A 13 3.75 -3.51 6.72
N SER A 14 4.72 -3.81 7.52
CA SER A 14 5.66 -2.84 8.02
C SER A 14 6.56 -2.24 6.94
N ASP A 15 6.60 -2.89 5.79
CA ASP A 15 7.36 -2.39 4.62
C ASP A 15 6.59 -1.29 3.95
N CYS A 16 5.33 -1.18 4.27
CA CYS A 16 4.46 -0.25 3.65
C CYS A 16 4.45 1.08 4.34
N PRO A 17 4.62 2.17 3.58
CA PRO A 17 4.61 3.51 4.13
C PRO A 17 3.20 4.00 4.47
N GLY A 18 3.13 5.22 4.97
CA GLY A 18 1.88 5.84 5.33
C GLY A 18 1.15 5.04 6.36
N ALA A 19 0.01 4.56 6.00
CA ALA A 19 -0.76 3.71 6.86
C ALA A 19 -1.26 2.53 6.04
N CYS A 20 -0.60 2.29 4.93
CA CYS A 20 -0.99 1.27 4.00
C CYS A 20 -0.56 -0.08 4.52
N ILE A 21 -1.30 -1.10 4.17
CA ILE A 21 -0.94 -2.45 4.53
C ILE A 21 -0.49 -3.19 3.28
N CYS A 22 -0.01 -4.37 3.46
CA CYS A 22 0.47 -5.18 2.39
C CYS A 22 -0.67 -6.03 1.84
N ARG A 23 -1.00 -5.83 0.59
CA ARG A 23 -2.08 -6.55 -0.03
C ARG A 23 -1.58 -7.87 -0.62
N GLY A 24 -2.50 -8.72 -1.05
CA GLY A 24 -2.18 -10.06 -1.57
C GLY A 24 -1.44 -10.06 -2.90
N ASN A 25 -1.29 -8.90 -3.48
CA ASN A 25 -0.53 -8.74 -4.71
C ASN A 25 0.93 -8.46 -4.41
N GLY A 26 1.19 -8.06 -3.17
CA GLY A 26 2.54 -7.77 -2.74
C GLY A 26 2.83 -6.32 -2.88
N TYR A 27 1.78 -5.53 -2.89
CA TYR A 27 1.84 -4.12 -2.99
C TYR A 27 1.12 -3.48 -1.82
N CYS A 28 1.61 -2.35 -1.44
CA CYS A 28 1.06 -1.59 -0.35
C CYS A 28 -0.15 -0.77 -0.79
N GLY A 29 -1.15 -0.74 0.06
CA GLY A 29 -2.31 0.09 -0.18
C GLY A 29 -3.11 0.25 1.08
N GLU A 30 -3.75 1.39 1.23
CA GLU A 30 -4.60 1.64 2.36
C GLU A 30 -5.90 0.83 2.19
N ALA A 31 -6.63 0.64 3.27
CA ALA A 31 -7.85 -0.16 3.30
C ALA A 31 -8.89 0.48 2.42
N ILE A 32 -8.86 1.77 2.37
CA ILE A 32 -9.73 2.51 1.53
C ILE A 32 -8.86 3.26 0.56
N TYR A 33 -9.23 3.24 -0.68
CA TYR A 33 -8.44 3.85 -1.73
C TYR A 33 -8.58 5.36 -1.69
N ALA A 34 -9.74 5.82 -1.32
CA ALA A 34 -10.06 7.24 -1.27
C ALA A 34 -9.58 7.92 0.02
N ALA A 35 -8.58 7.34 0.67
CA ALA A 35 -8.00 7.94 1.87
C ALA A 35 -7.29 9.24 1.49
N PRO A 36 -7.65 10.37 2.11
CA PRO A 36 -7.12 11.70 1.76
C PRO A 36 -5.58 11.79 1.69
N PHE A 37 -4.92 11.38 2.73
CA PHE A 37 -3.49 11.50 2.82
C PHE A 37 -2.83 10.17 3.15
N ALA A 38 -3.56 9.29 3.82
CA ALA A 38 -3.01 8.00 4.32
C ALA A 38 -2.83 6.95 3.20
N ARG A 39 -2.64 7.43 2.02
CA ARG A 39 -2.45 6.60 0.84
C ARG A 39 -0.98 6.34 0.57
N CYS A 1 -0.11 4.55 -1.27
CA CYS A 1 0.82 3.93 -2.14
C CYS A 1 0.18 3.70 -3.48
N GLU A 2 0.14 4.73 -4.26
CA GLU A 2 -0.46 4.66 -5.55
C GLU A 2 0.55 4.27 -6.60
N ALA A 3 0.07 3.60 -7.59
CA ALA A 3 0.89 3.12 -8.65
C ALA A 3 1.03 4.20 -9.68
N ILE A 4 2.08 4.96 -9.54
CA ILE A 4 2.37 6.02 -10.48
C ILE A 4 3.19 5.40 -11.58
N TYR A 5 4.35 4.95 -11.22
CA TYR A 5 5.20 4.23 -12.10
C TYR A 5 5.01 2.76 -11.79
N ALA A 6 4.78 2.51 -10.53
CA ALA A 6 4.59 1.17 -9.96
C ALA A 6 4.28 1.31 -8.49
N ALA A 7 3.50 0.41 -7.96
CA ALA A 7 3.20 0.44 -6.54
C ALA A 7 4.35 -0.22 -5.78
N PRO A 8 4.73 0.33 -4.61
CA PRO A 8 5.77 -0.27 -3.76
C PRO A 8 5.38 -1.71 -3.36
N LYS A 9 6.28 -2.63 -3.53
CA LYS A 9 6.02 -4.03 -3.24
C LYS A 9 6.29 -4.31 -1.77
N CYS A 10 5.55 -5.22 -1.22
CA CYS A 10 5.65 -5.50 0.19
C CYS A 10 5.89 -6.96 0.45
N ARG A 11 6.49 -7.22 1.59
CA ARG A 11 6.61 -8.55 2.13
C ARG A 11 5.91 -8.56 3.48
N ARG A 12 6.01 -7.44 4.16
CA ARG A 12 5.37 -7.18 5.44
C ARG A 12 4.70 -5.84 5.39
N ASP A 13 3.77 -5.64 6.27
CA ASP A 13 2.99 -4.42 6.32
C ASP A 13 3.86 -3.24 6.64
N SER A 14 4.86 -3.51 7.43
CA SER A 14 5.81 -2.51 7.85
C SER A 14 6.70 -2.00 6.70
N ASP A 15 6.67 -2.71 5.59
CA ASP A 15 7.38 -2.23 4.39
C ASP A 15 6.63 -1.07 3.81
N CYS A 16 5.36 -1.07 4.04
CA CYS A 16 4.47 -0.10 3.52
C CYS A 16 4.37 1.07 4.47
N PRO A 17 4.48 2.30 3.97
CA PRO A 17 4.45 3.49 4.82
C PRO A 17 3.05 3.90 5.28
N GLY A 18 2.98 4.32 6.54
CA GLY A 18 1.79 4.91 7.14
C GLY A 18 0.52 4.10 7.03
N ALA A 19 -0.34 4.49 6.12
CA ALA A 19 -1.66 3.91 6.00
C ALA A 19 -1.69 2.75 5.03
N CYS A 20 -0.58 2.52 4.37
CA CYS A 20 -0.49 1.41 3.47
C CYS A 20 -0.23 0.14 4.25
N ILE A 21 -0.87 -0.89 3.83
CA ILE A 21 -0.68 -2.20 4.37
C ILE A 21 -0.22 -3.09 3.24
N CYS A 22 0.16 -4.29 3.55
CA CYS A 22 0.62 -5.20 2.53
C CYS A 22 -0.57 -5.98 2.00
N ARG A 23 -0.88 -5.76 0.75
CA ARG A 23 -2.01 -6.41 0.16
C ARG A 23 -1.60 -7.75 -0.43
N GLY A 24 -2.58 -8.59 -0.72
CA GLY A 24 -2.33 -9.95 -1.21
C GLY A 24 -1.77 -10.01 -2.63
N ASN A 25 -1.65 -8.87 -3.25
CA ASN A 25 -1.09 -8.79 -4.58
C ASN A 25 0.42 -8.60 -4.48
N GLY A 26 0.87 -8.26 -3.27
CA GLY A 26 2.26 -8.13 -3.01
C GLY A 26 2.70 -6.71 -3.09
N TYR A 27 1.73 -5.83 -3.05
CA TYR A 27 1.96 -4.43 -3.16
C TYR A 27 1.35 -3.71 -1.99
N CYS A 28 1.93 -2.61 -1.67
CA CYS A 28 1.49 -1.76 -0.60
C CYS A 28 0.33 -0.91 -1.06
N GLY A 29 -0.67 -0.82 -0.25
CA GLY A 29 -1.79 0.01 -0.57
C GLY A 29 -2.53 0.38 0.67
N GLU A 30 -3.07 1.58 0.69
CA GLU A 30 -3.90 2.01 1.78
C GLU A 30 -5.16 1.18 1.79
N ALA A 31 -5.66 0.95 2.95
CA ALA A 31 -6.89 0.24 3.09
C ALA A 31 -8.05 1.21 2.86
N ILE A 32 -8.46 1.90 3.90
CA ILE A 32 -9.45 2.95 3.81
C ILE A 32 -9.11 3.93 4.88
N TYR A 33 -8.38 4.88 4.53
CA TYR A 33 -7.92 5.89 5.40
C TYR A 33 -7.99 7.23 4.69
N ALA A 34 -7.40 8.25 5.27
CA ALA A 34 -7.42 9.59 4.70
C ALA A 34 -6.00 10.13 4.67
N ALA A 35 -5.05 9.25 4.40
CA ALA A 35 -3.64 9.60 4.38
C ALA A 35 -3.27 10.47 3.18
N PRO A 36 -2.81 11.72 3.42
CA PRO A 36 -2.42 12.63 2.35
C PRO A 36 -1.22 12.15 1.52
N PHE A 37 -0.28 11.50 2.17
CA PHE A 37 0.92 11.08 1.49
C PHE A 37 1.24 9.61 1.73
N ALA A 38 0.67 9.04 2.78
CA ALA A 38 0.93 7.64 3.12
C ALA A 38 0.06 6.68 2.32
N ARG A 39 -0.24 7.05 1.10
CA ARG A 39 -0.92 6.21 0.17
C ARG A 39 0.06 5.75 -0.85
N CYS A 1 -0.01 5.39 -0.69
CA CYS A 1 0.95 4.86 -1.61
C CYS A 1 0.26 3.72 -2.33
N GLU A 2 -0.23 4.01 -3.51
CA GLU A 2 -1.00 3.07 -4.26
C GLU A 2 -0.29 2.78 -5.56
N ALA A 3 -0.51 1.62 -6.11
CA ALA A 3 0.19 1.19 -7.31
C ALA A 3 -0.45 1.75 -8.58
N ILE A 4 -0.53 3.04 -8.64
CA ILE A 4 -1.03 3.72 -9.79
C ILE A 4 0.07 4.62 -10.33
N TYR A 5 0.56 5.46 -9.47
CA TYR A 5 1.60 6.40 -9.85
C TYR A 5 2.95 5.76 -9.61
N ALA A 6 3.01 4.96 -8.59
CA ALA A 6 4.23 4.26 -8.21
C ALA A 6 3.86 2.96 -7.55
N ALA A 7 4.29 1.86 -8.12
CA ALA A 7 4.01 0.53 -7.62
C ALA A 7 4.94 0.16 -6.46
N PRO A 8 4.43 0.11 -5.23
CA PRO A 8 5.20 -0.29 -4.07
C PRO A 8 4.97 -1.78 -3.73
N LYS A 9 6.03 -2.53 -3.65
CA LYS A 9 5.93 -3.95 -3.33
C LYS A 9 6.16 -4.16 -1.85
N CYS A 10 5.55 -5.15 -1.30
CA CYS A 10 5.67 -5.43 0.11
C CYS A 10 6.01 -6.86 0.38
N ARG A 11 6.58 -7.09 1.54
CA ARG A 11 6.84 -8.41 2.06
C ARG A 11 6.03 -8.52 3.34
N ARG A 12 6.20 -7.51 4.17
CA ARG A 12 5.48 -7.34 5.41
C ARG A 12 4.79 -6.02 5.41
N ASP A 13 3.77 -5.89 6.23
CA ASP A 13 2.95 -4.69 6.28
C ASP A 13 3.75 -3.47 6.69
N SER A 14 4.75 -3.71 7.47
CA SER A 14 5.64 -2.66 7.95
C SER A 14 6.43 -2.03 6.82
N ASP A 15 6.56 -2.76 5.70
CA ASP A 15 7.27 -2.24 4.51
C ASP A 15 6.47 -1.14 3.87
N CYS A 16 5.19 -1.13 4.17
CA CYS A 16 4.28 -0.20 3.61
C CYS A 16 4.14 1.01 4.53
N PRO A 17 4.47 2.21 4.03
CA PRO A 17 4.49 3.42 4.81
C PRO A 17 3.09 3.98 5.16
N GLY A 18 3.00 4.48 6.39
CA GLY A 18 1.84 5.18 6.85
C GLY A 18 0.61 4.32 6.99
N ALA A 19 -0.34 4.52 6.12
CA ALA A 19 -1.60 3.84 6.19
C ALA A 19 -1.64 2.74 5.18
N CYS A 20 -0.56 2.61 4.42
CA CYS A 20 -0.45 1.56 3.49
C CYS A 20 -0.22 0.27 4.23
N ILE A 21 -0.84 -0.74 3.77
CA ILE A 21 -0.67 -2.06 4.30
C ILE A 21 -0.27 -2.97 3.17
N CYS A 22 0.14 -4.17 3.47
CA CYS A 22 0.60 -5.09 2.46
C CYS A 22 -0.57 -5.93 1.97
N ARG A 23 -0.90 -5.78 0.71
CA ARG A 23 -2.01 -6.47 0.15
C ARG A 23 -1.54 -7.82 -0.39
N GLY A 24 -2.48 -8.71 -0.60
CA GLY A 24 -2.19 -10.10 -1.01
C GLY A 24 -1.70 -10.21 -2.44
N ASN A 25 -1.65 -9.09 -3.11
CA ASN A 25 -1.13 -9.03 -4.45
C ASN A 25 0.37 -8.76 -4.45
N GLY A 26 0.87 -8.26 -3.34
CA GLY A 26 2.29 -8.05 -3.18
C GLY A 26 2.63 -6.59 -3.21
N TYR A 27 1.61 -5.78 -3.26
CA TYR A 27 1.73 -4.37 -3.33
C TYR A 27 1.26 -3.72 -2.04
N CYS A 28 1.89 -2.64 -1.70
CA CYS A 28 1.48 -1.81 -0.58
C CYS A 28 0.36 -0.92 -1.03
N GLY A 29 -0.51 -0.60 -0.14
CA GLY A 29 -1.53 0.33 -0.49
C GLY A 29 -2.42 0.67 0.67
N GLU A 30 -2.96 1.87 0.62
CA GLU A 30 -3.98 2.35 1.53
C GLU A 30 -5.13 1.37 1.56
N ALA A 31 -5.62 1.17 2.71
CA ALA A 31 -6.72 0.28 2.94
C ALA A 31 -8.03 0.98 2.63
N ILE A 32 -8.54 1.70 3.61
CA ILE A 32 -9.76 2.45 3.51
C ILE A 32 -9.63 3.56 4.52
N TYR A 33 -9.35 4.70 4.03
CA TYR A 33 -9.13 5.89 4.86
C TYR A 33 -8.81 7.05 3.96
N ALA A 34 -7.90 6.79 3.02
CA ALA A 34 -7.39 7.77 2.08
C ALA A 34 -6.64 8.85 2.81
N ALA A 35 -5.62 8.45 3.52
CA ALA A 35 -4.80 9.33 4.29
C ALA A 35 -3.90 10.18 3.36
N PRO A 36 -4.00 11.54 3.48
CA PRO A 36 -3.28 12.51 2.62
C PRO A 36 -1.80 12.17 2.34
N PHE A 37 -1.06 11.88 3.36
CA PHE A 37 0.37 11.62 3.21
C PHE A 37 0.68 10.14 3.37
N ALA A 38 -0.24 9.41 3.94
CA ALA A 38 0.02 8.02 4.27
C ALA A 38 -0.44 7.07 3.19
N ARG A 39 -0.65 7.60 2.03
CA ARG A 39 -1.03 6.82 0.88
C ARG A 39 0.17 6.44 0.06
N CYS A 1 -0.68 4.85 -1.21
CA CYS A 1 0.66 4.63 -1.66
C CYS A 1 0.63 3.98 -3.03
N GLU A 2 -0.29 4.46 -3.84
CA GLU A 2 -0.48 3.95 -5.18
C GLU A 2 0.42 4.73 -6.11
N ALA A 3 0.88 4.08 -7.14
CA ALA A 3 1.80 4.65 -8.05
C ALA A 3 1.75 3.85 -9.32
N ILE A 4 1.89 4.53 -10.40
CA ILE A 4 1.86 3.90 -11.70
C ILE A 4 3.28 3.71 -12.25
N TYR A 5 4.20 4.51 -11.76
CA TYR A 5 5.56 4.43 -12.22
C TYR A 5 6.33 3.43 -11.39
N ALA A 6 6.12 3.47 -10.10
CA ALA A 6 6.81 2.57 -9.19
C ALA A 6 6.00 2.29 -7.94
N ALA A 7 5.18 1.27 -8.01
CA ALA A 7 4.36 0.87 -6.87
C ALA A 7 5.21 0.03 -5.92
N PRO A 8 5.26 0.39 -4.62
CA PRO A 8 6.04 -0.34 -3.61
C PRO A 8 5.52 -1.76 -3.36
N LYS A 9 6.36 -2.75 -3.62
CA LYS A 9 6.04 -4.13 -3.33
C LYS A 9 6.34 -4.42 -1.88
N CYS A 10 5.42 -5.07 -1.22
CA CYS A 10 5.56 -5.32 0.20
C CYS A 10 6.05 -6.71 0.49
N ARG A 11 6.79 -6.84 1.56
CA ARG A 11 7.15 -8.13 2.09
C ARG A 11 6.40 -8.33 3.38
N ARG A 12 6.16 -7.23 4.04
CA ARG A 12 5.39 -7.16 5.25
C ARG A 12 4.69 -5.85 5.31
N ASP A 13 3.63 -5.83 6.07
CA ASP A 13 2.79 -4.68 6.23
C ASP A 13 3.57 -3.52 6.78
N SER A 14 4.45 -3.86 7.66
CA SER A 14 5.25 -2.93 8.37
C SER A 14 6.32 -2.24 7.53
N ASP A 15 6.56 -2.76 6.35
CA ASP A 15 7.52 -2.11 5.46
C ASP A 15 6.81 -1.17 4.49
N CYS A 16 5.50 -1.10 4.60
CA CYS A 16 4.73 -0.22 3.80
C CYS A 16 4.56 1.12 4.52
N PRO A 17 4.70 2.24 3.80
CA PRO A 17 4.60 3.57 4.40
C PRO A 17 3.14 4.04 4.56
N GLY A 18 2.99 5.23 5.10
CA GLY A 18 1.69 5.83 5.30
C GLY A 18 0.82 4.99 6.19
N ALA A 19 -0.32 4.62 5.68
CA ALA A 19 -1.26 3.79 6.39
C ALA A 19 -1.45 2.50 5.61
N CYS A 20 -0.50 2.22 4.75
CA CYS A 20 -0.57 1.08 3.88
C CYS A 20 -0.13 -0.18 4.57
N ILE A 21 -0.76 -1.23 4.18
CA ILE A 21 -0.48 -2.55 4.64
C ILE A 21 -0.09 -3.38 3.44
N CYS A 22 0.23 -4.62 3.63
CA CYS A 22 0.66 -5.45 2.54
C CYS A 22 -0.57 -6.13 1.95
N ARG A 23 -0.84 -5.85 0.70
CA ARG A 23 -2.00 -6.36 0.04
C ARG A 23 -1.66 -7.70 -0.58
N GLY A 24 -2.68 -8.48 -0.86
CA GLY A 24 -2.52 -9.82 -1.42
C GLY A 24 -2.05 -9.83 -2.86
N ASN A 25 -1.89 -8.66 -3.42
CA ASN A 25 -1.38 -8.52 -4.76
C ASN A 25 0.15 -8.42 -4.72
N GLY A 26 0.68 -8.09 -3.56
CA GLY A 26 2.12 -8.04 -3.37
C GLY A 26 2.62 -6.63 -3.27
N TYR A 27 1.71 -5.73 -3.30
CA TYR A 27 2.00 -4.33 -3.26
C TYR A 27 1.45 -3.74 -1.99
N CYS A 28 1.93 -2.59 -1.64
CA CYS A 28 1.43 -1.88 -0.51
C CYS A 28 0.16 -1.16 -0.88
N GLY A 29 -0.78 -1.13 0.01
CA GLY A 29 -1.99 -0.43 -0.23
C GLY A 29 -2.62 -0.05 1.06
N GLU A 30 -3.29 1.08 1.07
CA GLU A 30 -3.97 1.56 2.24
C GLU A 30 -5.03 0.57 2.68
N ALA A 31 -5.24 0.56 3.96
CA ALA A 31 -6.16 -0.29 4.59
C ALA A 31 -7.54 0.32 4.46
N ILE A 32 -8.38 0.06 5.36
CA ILE A 32 -9.71 0.58 5.25
C ILE A 32 -9.85 1.87 6.04
N TYR A 33 -10.50 2.79 5.43
CA TYR A 33 -10.76 4.10 5.93
C TYR A 33 -11.74 4.66 4.92
N ALA A 34 -12.56 5.59 5.27
CA ALA A 34 -13.53 6.12 4.33
C ALA A 34 -12.86 7.05 3.34
N ALA A 35 -12.24 8.07 3.87
CA ALA A 35 -11.51 9.02 3.06
C ALA A 35 -10.13 8.44 2.73
N PRO A 36 -9.49 8.86 1.65
CA PRO A 36 -8.11 8.46 1.40
C PRO A 36 -7.21 9.17 2.40
N PHE A 37 -6.42 8.43 3.13
CA PHE A 37 -5.64 9.02 4.19
C PHE A 37 -4.17 9.03 3.82
N ALA A 38 -3.71 7.93 3.32
CA ALA A 38 -2.35 7.79 2.91
C ALA A 38 -2.25 6.70 1.88
N ARG A 39 -2.62 7.04 0.67
CA ARG A 39 -2.55 6.12 -0.43
C ARG A 39 -1.11 6.03 -0.91
N CYS A 1 -1.24 7.19 -0.43
CA CYS A 1 -0.06 6.42 -0.09
C CYS A 1 0.24 5.40 -1.18
N GLU A 2 -0.62 5.38 -2.14
CA GLU A 2 -0.51 4.44 -3.23
C GLU A 2 0.00 5.10 -4.49
N ALA A 3 0.38 4.27 -5.42
CA ALA A 3 0.90 4.65 -6.69
C ALA A 3 0.49 3.58 -7.66
N ILE A 4 -0.15 3.97 -8.72
CA ILE A 4 -0.68 3.02 -9.70
C ILE A 4 0.31 2.78 -10.85
N TYR A 5 1.18 3.73 -11.08
CA TYR A 5 2.11 3.59 -12.18
C TYR A 5 3.34 2.85 -11.72
N ALA A 6 3.78 3.20 -10.57
CA ALA A 6 4.89 2.56 -9.95
C ALA A 6 4.45 1.97 -8.64
N ALA A 7 3.87 0.79 -8.71
CA ALA A 7 3.33 0.11 -7.56
C ALA A 7 4.43 -0.27 -6.57
N PRO A 8 4.33 0.19 -5.31
CA PRO A 8 5.28 -0.17 -4.27
C PRO A 8 5.03 -1.61 -3.82
N LYS A 9 6.05 -2.41 -3.82
CA LYS A 9 5.92 -3.81 -3.44
C LYS A 9 6.25 -3.98 -1.97
N CYS A 10 5.75 -5.03 -1.38
CA CYS A 10 5.95 -5.29 0.03
C CYS A 10 6.13 -6.77 0.28
N ARG A 11 6.76 -7.09 1.39
CA ARG A 11 6.89 -8.44 1.84
C ARG A 11 6.05 -8.59 3.09
N ARG A 12 6.16 -7.58 3.91
CA ARG A 12 5.45 -7.45 5.15
C ARG A 12 4.75 -6.14 5.18
N ASP A 13 3.74 -6.06 5.98
CA ASP A 13 2.90 -4.90 6.09
C ASP A 13 3.67 -3.71 6.56
N SER A 14 4.63 -3.98 7.40
CA SER A 14 5.48 -2.97 7.97
C SER A 14 6.36 -2.29 6.92
N ASP A 15 6.56 -2.95 5.76
CA ASP A 15 7.36 -2.34 4.67
C ASP A 15 6.63 -1.13 4.14
N CYS A 16 5.33 -1.17 4.24
CA CYS A 16 4.51 -0.12 3.71
C CYS A 16 4.29 0.94 4.77
N PRO A 17 4.69 2.18 4.50
CA PRO A 17 4.53 3.27 5.44
C PRO A 17 3.15 3.94 5.35
N GLY A 18 2.96 4.97 6.16
CA GLY A 18 1.73 5.72 6.17
C GLY A 18 0.56 4.85 6.54
N ALA A 19 -0.50 4.96 5.78
CA ALA A 19 -1.69 4.18 6.01
C ALA A 19 -1.70 2.93 5.14
N CYS A 20 -0.58 2.63 4.52
CA CYS A 20 -0.48 1.48 3.67
C CYS A 20 -0.18 0.22 4.43
N ILE A 21 -0.68 -0.84 3.91
CA ILE A 21 -0.48 -2.16 4.39
C ILE A 21 -0.06 -3.02 3.21
N CYS A 22 0.26 -4.25 3.44
CA CYS A 22 0.72 -5.09 2.37
C CYS A 22 -0.45 -5.92 1.87
N ARG A 23 -0.89 -5.63 0.67
CA ARG A 23 -2.03 -6.31 0.10
C ARG A 23 -1.67 -7.72 -0.33
N GLY A 24 -2.69 -8.49 -0.66
CA GLY A 24 -2.55 -9.88 -1.05
C GLY A 24 -1.80 -10.04 -2.37
N ASN A 25 -1.65 -8.97 -3.09
CA ASN A 25 -0.94 -8.97 -4.35
C ASN A 25 0.55 -8.71 -4.14
N GLY A 26 0.90 -8.21 -2.98
CA GLY A 26 2.29 -8.01 -2.67
C GLY A 26 2.70 -6.61 -2.92
N TYR A 27 1.73 -5.76 -3.03
CA TYR A 27 1.91 -4.39 -3.23
C TYR A 27 1.26 -3.62 -2.11
N CYS A 28 1.85 -2.51 -1.76
CA CYS A 28 1.36 -1.66 -0.69
C CYS A 28 0.08 -0.98 -1.10
N GLY A 29 -0.92 -1.10 -0.28
CA GLY A 29 -2.18 -0.49 -0.53
C GLY A 29 -2.65 0.24 0.66
N GLU A 30 -3.46 1.24 0.47
CA GLU A 30 -3.93 2.04 1.53
C GLU A 30 -5.08 1.31 2.26
N ALA A 31 -5.60 1.90 3.30
CA ALA A 31 -6.57 1.29 4.16
C ALA A 31 -7.87 1.05 3.46
N ILE A 32 -8.60 2.11 3.23
CA ILE A 32 -9.89 2.01 2.62
C ILE A 32 -10.02 3.15 1.63
N TYR A 33 -10.71 2.93 0.55
CA TYR A 33 -10.94 3.97 -0.40
C TYR A 33 -12.27 4.61 -0.07
N ALA A 34 -12.23 5.64 0.73
CA ALA A 34 -13.41 6.35 1.18
C ALA A 34 -13.01 7.69 1.77
N ALA A 35 -12.57 7.69 3.00
CA ALA A 35 -11.97 8.89 3.57
C ALA A 35 -10.50 9.02 3.12
N PRO A 36 -9.70 7.95 3.29
CA PRO A 36 -8.40 7.86 2.68
C PRO A 36 -8.59 7.83 1.15
N PHE A 37 -7.71 8.47 0.42
CA PHE A 37 -7.91 8.68 -1.00
C PHE A 37 -6.79 8.04 -1.84
N ALA A 38 -6.15 6.99 -1.30
CA ALA A 38 -5.09 6.21 -1.98
C ALA A 38 -3.87 7.08 -2.22
N ARG A 39 -3.58 7.91 -1.22
CA ARG A 39 -2.52 8.90 -1.30
C ARG A 39 -1.19 8.29 -1.04
N CYS A 1 -0.24 5.64 -1.34
CA CYS A 1 1.14 5.18 -1.29
C CYS A 1 1.38 4.25 -2.44
N GLU A 2 0.46 4.26 -3.35
CA GLU A 2 0.49 3.37 -4.47
C GLU A 2 1.17 4.03 -5.66
N ALA A 3 1.44 3.26 -6.66
CA ALA A 3 2.08 3.69 -7.87
C ALA A 3 1.93 2.59 -8.87
N ILE A 4 1.77 2.95 -10.10
CA ILE A 4 1.58 1.98 -11.16
C ILE A 4 2.86 1.87 -12.00
N TYR A 5 3.70 2.88 -11.94
CA TYR A 5 4.94 2.87 -12.70
C TYR A 5 6.00 2.21 -11.86
N ALA A 6 6.03 2.57 -10.62
CA ALA A 6 6.93 1.98 -9.67
C ALA A 6 6.12 1.38 -8.57
N ALA A 7 5.56 0.22 -8.86
CA ALA A 7 4.69 -0.46 -7.94
C ALA A 7 5.47 -0.89 -6.69
N PRO A 8 5.10 -0.34 -5.52
CA PRO A 8 5.77 -0.63 -4.28
C PRO A 8 5.39 -1.99 -3.73
N LYS A 9 6.36 -2.84 -3.60
CA LYS A 9 6.13 -4.19 -3.14
C LYS A 9 6.16 -4.25 -1.64
N CYS A 10 5.64 -5.32 -1.10
CA CYS A 10 5.64 -5.51 0.32
C CYS A 10 5.96 -6.97 0.64
N ARG A 11 6.60 -7.16 1.76
CA ARG A 11 6.86 -8.49 2.29
C ARG A 11 6.11 -8.59 3.58
N ARG A 12 6.14 -7.50 4.30
CA ARG A 12 5.43 -7.29 5.53
C ARG A 12 4.76 -5.96 5.45
N ASP A 13 3.79 -5.77 6.28
CA ASP A 13 2.97 -4.58 6.27
C ASP A 13 3.78 -3.35 6.63
N SER A 14 4.78 -3.57 7.43
CA SER A 14 5.68 -2.51 7.86
C SER A 14 6.54 -1.99 6.70
N ASP A 15 6.62 -2.76 5.61
CA ASP A 15 7.32 -2.31 4.39
C ASP A 15 6.58 -1.16 3.77
N CYS A 16 5.32 -1.08 4.07
CA CYS A 16 4.47 -0.09 3.53
C CYS A 16 4.44 1.13 4.44
N PRO A 17 4.48 2.33 3.87
CA PRO A 17 4.50 3.56 4.63
C PRO A 17 3.09 4.04 4.98
N GLY A 18 3.04 5.14 5.72
CA GLY A 18 1.81 5.77 6.09
C GLY A 18 0.88 4.85 6.85
N ALA A 19 -0.31 4.70 6.33
CA ALA A 19 -1.29 3.84 6.94
C ALA A 19 -1.54 2.63 6.07
N CYS A 20 -0.69 2.43 5.09
CA CYS A 20 -0.85 1.38 4.13
C CYS A 20 -0.46 0.03 4.70
N ILE A 21 -1.03 -1.01 4.12
CA ILE A 21 -0.79 -2.37 4.53
C ILE A 21 -0.28 -3.14 3.32
N CYS A 22 0.07 -4.37 3.54
CA CYS A 22 0.56 -5.22 2.48
C CYS A 22 -0.61 -5.97 1.87
N ARG A 23 -0.90 -5.71 0.61
CA ARG A 23 -2.02 -6.31 -0.05
C ARG A 23 -1.64 -7.68 -0.62
N GLY A 24 -2.67 -8.44 -0.99
CA GLY A 24 -2.50 -9.81 -1.48
C GLY A 24 -2.01 -9.86 -2.91
N ASN A 25 -1.68 -8.72 -3.43
CA ASN A 25 -1.10 -8.61 -4.74
C ASN A 25 0.42 -8.57 -4.62
N GLY A 26 0.90 -8.30 -3.41
CA GLY A 26 2.32 -8.28 -3.16
C GLY A 26 2.85 -6.89 -3.15
N TYR A 27 1.92 -5.97 -3.13
CA TYR A 27 2.20 -4.58 -3.18
C TYR A 27 1.52 -3.85 -2.05
N CYS A 28 1.99 -2.67 -1.78
CA CYS A 28 1.46 -1.84 -0.73
C CYS A 28 0.20 -1.13 -1.19
N GLY A 29 -0.75 -1.03 -0.31
CA GLY A 29 -1.97 -0.36 -0.60
C GLY A 29 -2.69 -0.06 0.67
N GLU A 30 -3.79 0.61 0.55
CA GLU A 30 -4.63 0.98 1.66
C GLU A 30 -5.41 -0.27 2.15
N ALA A 31 -6.13 -0.13 3.24
CA ALA A 31 -6.97 -1.21 3.76
C ALA A 31 -8.12 -1.41 2.82
N ILE A 32 -8.43 -0.37 2.11
CA ILE A 32 -9.39 -0.36 1.08
C ILE A 32 -8.63 -0.66 -0.22
N TYR A 33 -9.28 -1.31 -1.18
CA TYR A 33 -8.67 -1.74 -2.46
C TYR A 33 -7.79 -0.67 -3.10
N ALA A 34 -8.31 0.53 -3.18
CA ALA A 34 -7.57 1.64 -3.76
C ALA A 34 -7.41 2.71 -2.70
N ALA A 35 -6.21 3.26 -2.60
CA ALA A 35 -5.89 4.29 -1.61
C ALA A 35 -6.37 5.67 -2.05
N PRO A 36 -7.40 6.23 -1.39
CA PRO A 36 -7.92 7.55 -1.74
C PRO A 36 -7.16 8.72 -1.08
N PHE A 37 -6.74 8.54 0.15
CA PHE A 37 -6.08 9.60 0.91
C PHE A 37 -4.67 9.18 1.24
N ALA A 38 -4.54 8.01 1.80
CA ALA A 38 -3.24 7.45 2.12
C ALA A 38 -2.66 6.79 0.88
N ARG A 39 -2.55 7.58 -0.17
CA ARG A 39 -2.04 7.11 -1.41
C ARG A 39 -0.56 6.86 -1.28
N CYS A 1 -1.28 4.43 -0.98
CA CYS A 1 0.00 4.62 -1.55
C CYS A 1 -0.15 4.46 -3.04
N GLU A 2 -0.52 5.52 -3.70
CA GLU A 2 -0.74 5.47 -5.12
C GLU A 2 0.52 5.76 -5.83
N ALA A 3 0.87 4.85 -6.65
CA ALA A 3 2.06 4.91 -7.41
C ALA A 3 1.84 4.19 -8.72
N ILE A 4 1.62 4.94 -9.74
CA ILE A 4 1.33 4.41 -11.06
C ILE A 4 2.63 4.25 -11.86
N TYR A 5 3.67 4.85 -11.35
CA TYR A 5 4.96 4.75 -11.99
C TYR A 5 5.71 3.54 -11.48
N ALA A 6 5.69 3.38 -10.18
CA ALA A 6 6.33 2.25 -9.53
C ALA A 6 5.62 1.95 -8.24
N ALA A 7 4.73 1.01 -8.28
CA ALA A 7 3.94 0.64 -7.14
C ALA A 7 4.80 -0.12 -6.14
N PRO A 8 4.82 0.34 -4.89
CA PRO A 8 5.64 -0.27 -3.86
C PRO A 8 5.22 -1.68 -3.51
N LYS A 9 6.12 -2.61 -3.77
CA LYS A 9 5.95 -3.99 -3.41
C LYS A 9 6.07 -4.11 -1.90
N CYS A 10 5.37 -5.03 -1.34
CA CYS A 10 5.41 -5.22 0.10
C CYS A 10 5.94 -6.58 0.42
N ARG A 11 6.58 -6.70 1.56
CA ARG A 11 6.98 -7.99 2.08
C ARG A 11 6.27 -8.20 3.38
N ARG A 12 6.25 -7.16 4.17
CA ARG A 12 5.56 -7.10 5.41
C ARG A 12 4.77 -5.84 5.47
N ASP A 13 3.72 -5.87 6.22
CA ASP A 13 2.81 -4.76 6.33
C ASP A 13 3.50 -3.56 6.88
N SER A 14 4.38 -3.82 7.82
CA SER A 14 5.10 -2.79 8.49
C SER A 14 6.10 -2.08 7.60
N ASP A 15 6.48 -2.69 6.49
CA ASP A 15 7.44 -2.04 5.61
C ASP A 15 6.75 -1.11 4.62
N CYS A 16 5.42 -1.10 4.67
CA CYS A 16 4.65 -0.22 3.85
C CYS A 16 4.34 1.05 4.64
N PRO A 17 4.81 2.21 4.17
CA PRO A 17 4.56 3.49 4.84
C PRO A 17 3.17 4.05 4.50
N GLY A 18 2.87 5.25 4.98
CA GLY A 18 1.59 5.90 4.68
C GLY A 18 0.41 5.18 5.30
N ALA A 19 0.72 4.25 6.23
CA ALA A 19 -0.24 3.37 6.90
C ALA A 19 -0.75 2.30 5.97
N CYS A 20 -0.15 2.21 4.80
CA CYS A 20 -0.50 1.21 3.84
C CYS A 20 -0.11 -0.16 4.35
N ILE A 21 -0.85 -1.14 3.97
CA ILE A 21 -0.63 -2.50 4.38
C ILE A 21 -0.15 -3.30 3.19
N CYS A 22 0.18 -4.52 3.43
CA CYS A 22 0.64 -5.39 2.41
C CYS A 22 -0.53 -6.20 1.92
N ARG A 23 -1.00 -5.88 0.73
CA ARG A 23 -2.10 -6.58 0.15
C ARG A 23 -1.62 -7.86 -0.55
N GLY A 24 -2.58 -8.69 -0.92
CA GLY A 24 -2.30 -10.00 -1.49
C GLY A 24 -1.89 -9.91 -2.94
N ASN A 25 -1.82 -8.70 -3.42
CA ASN A 25 -1.41 -8.44 -4.77
C ASN A 25 0.12 -8.30 -4.78
N GLY A 26 0.68 -8.06 -3.61
CA GLY A 26 2.12 -8.01 -3.47
C GLY A 26 2.60 -6.60 -3.35
N TYR A 27 1.67 -5.72 -3.24
CA TYR A 27 1.92 -4.33 -3.20
C TYR A 27 1.34 -3.73 -1.94
N CYS A 28 1.84 -2.59 -1.59
CA CYS A 28 1.34 -1.85 -0.48
C CYS A 28 0.10 -1.10 -0.92
N GLY A 29 -0.94 -1.19 -0.14
CA GLY A 29 -2.17 -0.51 -0.46
C GLY A 29 -2.89 -0.17 0.80
N GLU A 30 -3.91 0.62 0.71
CA GLU A 30 -4.69 1.00 1.88
C GLU A 30 -5.46 -0.20 2.41
N ALA A 31 -5.83 -0.14 3.65
CA ALA A 31 -6.61 -1.14 4.31
C ALA A 31 -8.07 -0.89 3.95
N ILE A 32 -8.94 -1.08 4.87
CA ILE A 32 -10.32 -0.79 4.59
C ILE A 32 -10.64 0.53 5.24
N TYR A 33 -11.23 1.37 4.49
CA TYR A 33 -11.52 2.73 4.89
C TYR A 33 -12.53 3.28 3.89
N ALA A 34 -13.15 4.40 4.17
CA ALA A 34 -14.13 4.95 3.25
C ALA A 34 -13.49 5.72 2.10
N ALA A 35 -13.11 6.94 2.35
CA ALA A 35 -12.48 7.78 1.34
C ALA A 35 -11.01 7.41 1.21
N PRO A 36 -10.40 7.59 0.04
CA PRO A 36 -8.97 7.32 -0.12
C PRO A 36 -8.13 8.29 0.71
N PHE A 37 -7.45 7.77 1.72
CA PHE A 37 -6.69 8.62 2.63
C PHE A 37 -5.33 8.05 2.99
N ALA A 38 -5.28 6.76 3.20
CA ALA A 38 -4.06 6.11 3.61
C ALA A 38 -3.60 5.19 2.52
N ARG A 39 -3.66 5.71 1.30
CA ARG A 39 -3.28 4.98 0.13
C ARG A 39 -1.91 5.35 -0.34
N CYS A 1 -2.56 5.70 -1.10
CA CYS A 1 -2.12 4.60 -1.89
C CYS A 1 -3.32 3.84 -2.41
N GLU A 2 -4.05 4.53 -3.26
CA GLU A 2 -5.29 4.05 -3.82
C GLU A 2 -4.95 3.28 -5.08
N ALA A 3 -3.83 3.64 -5.66
CA ALA A 3 -3.29 2.95 -6.77
C ALA A 3 -2.43 1.83 -6.22
N ILE A 4 -3.04 0.69 -6.10
CA ILE A 4 -2.42 -0.47 -5.49
C ILE A 4 -1.67 -1.31 -6.54
N TYR A 5 -1.95 -1.09 -7.80
CA TYR A 5 -1.27 -1.82 -8.86
C TYR A 5 -0.02 -1.03 -9.23
N ALA A 6 -0.10 0.26 -9.03
CA ALA A 6 1.01 1.16 -9.29
C ALA A 6 1.79 1.45 -7.98
N ALA A 7 1.48 0.68 -6.97
CA ALA A 7 2.10 0.79 -5.66
C ALA A 7 3.46 0.07 -5.64
N PRO A 8 4.32 0.31 -4.62
CA PRO A 8 5.56 -0.44 -4.46
C PRO A 8 5.30 -1.83 -3.85
N LYS A 9 6.27 -2.71 -3.94
CA LYS A 9 6.11 -4.09 -3.46
C LYS A 9 6.26 -4.17 -1.93
N CYS A 10 5.80 -5.26 -1.36
CA CYS A 10 5.91 -5.50 0.06
C CYS A 10 5.96 -6.98 0.36
N ARG A 11 6.54 -7.31 1.48
CA ARG A 11 6.53 -8.67 1.98
C ARG A 11 5.75 -8.67 3.28
N ARG A 12 5.88 -7.58 4.00
CA ARG A 12 5.21 -7.37 5.25
C ARG A 12 4.65 -5.98 5.32
N ASP A 13 3.71 -5.79 6.23
CA ASP A 13 2.99 -4.55 6.39
C ASP A 13 3.92 -3.41 6.65
N SER A 14 4.97 -3.72 7.35
CA SER A 14 5.97 -2.75 7.73
C SER A 14 6.70 -2.15 6.52
N ASP A 15 6.75 -2.91 5.41
CA ASP A 15 7.35 -2.38 4.17
C ASP A 15 6.55 -1.20 3.68
N CYS A 16 5.29 -1.20 4.04
CA CYS A 16 4.38 -0.21 3.60
C CYS A 16 4.23 0.87 4.66
N PRO A 17 4.38 2.12 4.27
CA PRO A 17 4.34 3.25 5.20
C PRO A 17 2.94 3.85 5.41
N GLY A 18 2.79 4.53 6.52
CA GLY A 18 1.60 5.28 6.83
C GLY A 18 0.34 4.44 6.95
N ALA A 19 -0.55 4.62 6.02
CA ALA A 19 -1.85 3.96 6.03
C ALA A 19 -1.87 2.86 4.99
N CYS A 20 -0.72 2.64 4.39
CA CYS A 20 -0.59 1.63 3.43
C CYS A 20 -0.13 0.38 4.14
N ILE A 21 -0.72 -0.71 3.81
CA ILE A 21 -0.38 -1.99 4.37
C ILE A 21 -0.03 -2.94 3.25
N CYS A 22 0.36 -4.14 3.55
CA CYS A 22 0.75 -5.04 2.51
C CYS A 22 -0.47 -5.79 2.05
N ARG A 23 -0.80 -5.63 0.79
CA ARG A 23 -1.97 -6.23 0.22
C ARG A 23 -1.63 -7.61 -0.32
N GLY A 24 -2.65 -8.40 -0.63
CA GLY A 24 -2.47 -9.78 -1.05
C GLY A 24 -1.80 -9.93 -2.41
N ASN A 25 -1.63 -8.84 -3.09
CA ASN A 25 -1.00 -8.84 -4.39
C ASN A 25 0.51 -8.67 -4.23
N GLY A 26 0.92 -8.21 -3.05
CA GLY A 26 2.32 -8.05 -2.74
C GLY A 26 2.77 -6.64 -2.95
N TYR A 27 1.80 -5.75 -2.97
CA TYR A 27 2.03 -4.33 -3.14
C TYR A 27 1.48 -3.57 -1.92
N CYS A 28 2.04 -2.40 -1.69
CA CYS A 28 1.62 -1.54 -0.59
C CYS A 28 0.38 -0.76 -0.93
N GLY A 29 -0.73 -1.21 -0.43
CA GLY A 29 -1.97 -0.57 -0.73
C GLY A 29 -2.62 -0.06 0.51
N GLU A 30 -3.42 0.95 0.34
CA GLU A 30 -4.12 1.61 1.40
C GLU A 30 -5.07 0.66 2.11
N ALA A 31 -5.42 1.04 3.31
CA ALA A 31 -6.26 0.27 4.20
C ALA A 31 -7.63 0.11 3.59
N ILE A 32 -8.38 1.18 3.56
CA ILE A 32 -9.67 1.18 2.93
C ILE A 32 -9.77 2.39 2.06
N TYR A 33 -9.76 3.47 2.71
CA TYR A 33 -9.77 4.79 2.10
C TYR A 33 -9.36 5.78 3.16
N ALA A 34 -8.15 6.22 3.09
CA ALA A 34 -7.58 7.08 4.09
C ALA A 34 -7.56 8.52 3.64
N ALA A 35 -7.29 9.39 4.58
CA ALA A 35 -7.18 10.81 4.36
C ALA A 35 -5.77 11.09 3.79
N PRO A 36 -5.47 12.33 3.30
CA PRO A 36 -4.13 12.65 2.82
C PRO A 36 -3.10 12.63 3.95
N PHE A 37 -2.52 11.49 4.09
CA PHE A 37 -1.51 11.18 5.04
C PHE A 37 -0.56 10.23 4.34
N ALA A 38 -1.14 9.18 3.85
CA ALA A 38 -0.48 8.21 3.03
C ALA A 38 -1.52 7.66 2.12
N ARG A 39 -1.56 8.18 0.95
CA ARG A 39 -2.50 7.73 -0.03
C ARG A 39 -1.85 6.72 -0.89
N CYS A 1 -1.24 5.32 -0.94
CA CYS A 1 -0.86 4.68 -2.16
C CYS A 1 -1.65 5.23 -3.33
N GLU A 2 -1.21 6.39 -3.77
CA GLU A 2 -1.81 7.09 -4.87
C GLU A 2 -1.12 6.67 -6.14
N ALA A 3 0.16 6.41 -6.03
CA ALA A 3 0.92 5.90 -7.12
C ALA A 3 0.75 4.40 -7.14
N ILE A 4 -0.27 3.96 -7.85
CA ILE A 4 -0.62 2.54 -7.88
C ILE A 4 0.14 1.81 -8.99
N TYR A 5 0.71 2.56 -9.92
CA TYR A 5 1.43 1.95 -11.02
C TYR A 5 2.85 1.76 -10.56
N ALA A 6 3.28 2.66 -9.73
CA ALA A 6 4.59 2.61 -9.15
C ALA A 6 4.50 2.20 -7.68
N ALA A 7 3.44 1.48 -7.34
CA ALA A 7 3.23 1.00 -5.98
C ALA A 7 4.35 0.06 -5.60
N PRO A 8 5.01 0.31 -4.48
CA PRO A 8 6.11 -0.53 -4.03
C PRO A 8 5.61 -1.90 -3.56
N LYS A 9 6.38 -2.93 -3.83
CA LYS A 9 6.01 -4.25 -3.40
C LYS A 9 6.42 -4.46 -1.96
N CYS A 10 5.81 -5.38 -1.32
CA CYS A 10 6.03 -5.59 0.09
C CYS A 10 6.27 -7.04 0.43
N ARG A 11 7.02 -7.25 1.47
CA ARG A 11 7.22 -8.56 2.03
C ARG A 11 6.32 -8.63 3.22
N ARG A 12 6.36 -7.56 3.98
CA ARG A 12 5.62 -7.40 5.18
C ARG A 12 4.89 -6.11 5.18
N ASP A 13 3.93 -6.02 6.04
CA ASP A 13 3.09 -4.86 6.17
C ASP A 13 3.90 -3.67 6.60
N SER A 14 4.91 -3.93 7.37
CA SER A 14 5.81 -2.92 7.89
C SER A 14 6.74 -2.36 6.81
N ASP A 15 6.68 -2.91 5.64
CA ASP A 15 7.40 -2.35 4.48
C ASP A 15 6.66 -1.15 3.95
N CYS A 16 5.37 -1.13 4.24
CA CYS A 16 4.52 -0.08 3.78
C CYS A 16 4.21 0.84 4.95
N PRO A 17 4.43 2.15 4.82
CA PRO A 17 4.10 3.11 5.87
C PRO A 17 2.77 3.85 5.62
N GLY A 18 2.49 4.80 6.52
CA GLY A 18 1.34 5.66 6.41
C GLY A 18 0.04 4.95 6.58
N ALA A 19 -0.67 4.82 5.51
CA ALA A 19 -1.94 4.17 5.52
C ALA A 19 -1.89 2.92 4.71
N CYS A 20 -0.74 2.65 4.15
CA CYS A 20 -0.58 1.52 3.32
C CYS A 20 -0.11 0.33 4.09
N ILE A 21 -0.66 -0.77 3.73
CA ILE A 21 -0.35 -2.05 4.30
C ILE A 21 0.06 -2.96 3.16
N CYS A 22 0.39 -4.17 3.45
CA CYS A 22 0.81 -5.09 2.42
C CYS A 22 -0.40 -5.91 2.00
N ARG A 23 -0.94 -5.60 0.84
CA ARG A 23 -2.14 -6.25 0.35
C ARG A 23 -1.81 -7.61 -0.26
N GLY A 24 -2.85 -8.38 -0.55
CA GLY A 24 -2.72 -9.73 -1.09
C GLY A 24 -2.16 -9.79 -2.50
N ASN A 25 -1.93 -8.63 -3.08
CA ASN A 25 -1.38 -8.52 -4.42
C ASN A 25 0.14 -8.51 -4.31
N GLY A 26 0.63 -8.19 -3.12
CA GLY A 26 2.04 -8.21 -2.87
C GLY A 26 2.62 -6.84 -2.95
N TYR A 27 1.75 -5.88 -2.91
CA TYR A 27 2.11 -4.51 -3.02
C TYR A 27 1.50 -3.70 -1.91
N CYS A 28 2.11 -2.58 -1.65
CA CYS A 28 1.63 -1.66 -0.67
C CYS A 28 0.37 -1.01 -1.15
N GLY A 29 -0.61 -0.96 -0.30
CA GLY A 29 -1.84 -0.30 -0.61
C GLY A 29 -2.54 0.12 0.63
N GLU A 30 -3.05 1.34 0.63
CA GLU A 30 -3.83 1.89 1.72
C GLU A 30 -4.98 0.96 2.12
N ALA A 31 -5.16 0.87 3.39
CA ALA A 31 -6.17 0.01 4.00
C ALA A 31 -7.52 0.69 3.96
N ILE A 32 -7.59 1.80 4.64
CA ILE A 32 -8.75 2.62 4.71
C ILE A 32 -8.27 4.02 4.41
N TYR A 33 -9.07 4.79 3.72
CA TYR A 33 -8.70 6.13 3.30
C TYR A 33 -8.40 7.01 4.52
N ALA A 34 -7.13 7.30 4.71
CA ALA A 34 -6.67 8.00 5.89
C ALA A 34 -6.01 9.34 5.59
N ALA A 35 -5.34 9.89 6.58
CA ALA A 35 -4.61 11.13 6.45
C ALA A 35 -3.31 10.92 5.66
N PRO A 36 -2.88 11.92 4.91
CA PRO A 36 -1.66 11.84 4.10
C PRO A 36 -0.36 11.69 4.92
N PHE A 37 0.33 10.61 4.64
CA PHE A 37 1.66 10.33 5.14
C PHE A 37 2.30 9.49 4.07
N ALA A 38 1.71 8.34 3.87
CA ALA A 38 2.04 7.46 2.79
C ALA A 38 0.78 6.83 2.35
N ARG A 39 0.20 7.40 1.37
CA ARG A 39 -0.98 6.89 0.81
C ARG A 39 -0.61 6.35 -0.53
N CYS A 1 -1.08 4.37 -1.74
CA CYS A 1 -0.03 3.47 -2.00
C CYS A 1 -0.40 2.69 -3.23
N GLU A 2 0.08 3.19 -4.34
CA GLU A 2 -0.14 2.64 -5.66
C GLU A 2 1.17 2.83 -6.37
N ALA A 3 1.21 2.61 -7.65
CA ALA A 3 2.41 2.86 -8.36
C ALA A 3 2.36 4.24 -8.97
N ILE A 4 2.71 5.24 -8.18
CA ILE A 4 2.75 6.60 -8.67
C ILE A 4 4.19 6.99 -8.88
N TYR A 5 4.92 6.99 -7.81
CA TYR A 5 6.31 7.40 -7.81
C TYR A 5 7.15 6.18 -8.13
N ALA A 6 6.67 5.05 -7.67
CA ALA A 6 7.30 3.75 -7.86
C ALA A 6 6.31 2.71 -7.40
N ALA A 7 6.49 1.49 -7.83
CA ALA A 7 5.63 0.41 -7.40
C ALA A 7 6.09 -0.07 -6.03
N PRO A 8 5.30 0.12 -4.98
CA PRO A 8 5.68 -0.28 -3.65
C PRO A 8 5.33 -1.73 -3.35
N LYS A 9 6.30 -2.59 -3.43
CA LYS A 9 6.13 -4.00 -3.13
C LYS A 9 6.25 -4.22 -1.63
N CYS A 10 5.70 -5.28 -1.11
CA CYS A 10 5.72 -5.51 0.31
C CYS A 10 5.96 -6.97 0.65
N ARG A 11 6.61 -7.19 1.75
CA ARG A 11 6.76 -8.50 2.33
C ARG A 11 5.83 -8.53 3.52
N ARG A 12 5.83 -7.43 4.23
CA ARG A 12 4.98 -7.19 5.38
C ARG A 12 4.45 -5.80 5.37
N ASP A 13 3.45 -5.57 6.21
CA ASP A 13 2.75 -4.30 6.28
C ASP A 13 3.68 -3.19 6.63
N SER A 14 4.65 -3.53 7.43
CA SER A 14 5.65 -2.58 7.90
C SER A 14 6.52 -2.06 6.75
N ASP A 15 6.58 -2.80 5.65
CA ASP A 15 7.31 -2.34 4.46
C ASP A 15 6.61 -1.15 3.84
N CYS A 16 5.34 -1.06 4.10
CA CYS A 16 4.51 -0.06 3.54
C CYS A 16 4.46 1.18 4.41
N PRO A 17 4.60 2.38 3.81
CA PRO A 17 4.55 3.64 4.54
C PRO A 17 3.11 4.09 4.84
N GLY A 18 3.02 5.21 5.55
CA GLY A 18 1.73 5.74 5.93
C GLY A 18 1.01 4.76 6.80
N ALA A 19 -0.22 4.51 6.49
CA ALA A 19 -0.97 3.52 7.19
C ALA A 19 -1.21 2.34 6.27
N CYS A 20 -0.54 2.35 5.11
CA CYS A 20 -0.75 1.35 4.11
C CYS A 20 -0.32 -0.02 4.60
N ILE A 21 -0.98 -1.02 4.12
CA ILE A 21 -0.71 -2.36 4.50
C ILE A 21 -0.26 -3.12 3.28
N CYS A 22 0.13 -4.33 3.49
CA CYS A 22 0.58 -5.17 2.43
C CYS A 22 -0.62 -5.91 1.87
N ARG A 23 -0.86 -5.74 0.60
CA ARG A 23 -1.97 -6.35 -0.04
C ARG A 23 -1.53 -7.69 -0.60
N GLY A 24 -2.49 -8.56 -0.83
CA GLY A 24 -2.22 -9.91 -1.29
C GLY A 24 -1.73 -9.98 -2.73
N ASN A 25 -1.62 -8.85 -3.36
CA ASN A 25 -1.11 -8.78 -4.71
C ASN A 25 0.41 -8.65 -4.69
N GLY A 26 0.94 -8.23 -3.55
CA GLY A 26 2.38 -8.15 -3.37
C GLY A 26 2.83 -6.73 -3.24
N TYR A 27 1.88 -5.85 -3.29
CA TYR A 27 2.12 -4.44 -3.23
C TYR A 27 1.45 -3.82 -2.03
N CYS A 28 1.92 -2.66 -1.69
CA CYS A 28 1.38 -1.88 -0.62
C CYS A 28 0.15 -1.14 -1.08
N GLY A 29 -0.83 -1.09 -0.24
CA GLY A 29 -2.03 -0.39 -0.55
C GLY A 29 -2.75 -0.05 0.71
N GLU A 30 -3.58 0.94 0.65
CA GLU A 30 -4.38 1.31 1.76
C GLU A 30 -5.50 0.27 1.92
N ALA A 31 -6.06 0.21 3.10
CA ALA A 31 -7.13 -0.72 3.40
C ALA A 31 -8.39 -0.19 2.76
N ILE A 32 -8.53 1.10 2.82
CA ILE A 32 -9.60 1.80 2.20
C ILE A 32 -9.20 1.99 0.76
N TYR A 33 -10.12 1.84 -0.13
CA TYR A 33 -9.83 1.95 -1.53
C TYR A 33 -9.63 3.40 -1.91
N ALA A 34 -10.42 4.26 -1.33
CA ALA A 34 -10.33 5.67 -1.58
C ALA A 34 -9.40 6.36 -0.57
N ALA A 35 -8.11 6.32 -0.85
CA ALA A 35 -7.12 6.94 0.00
C ALA A 35 -7.06 8.46 -0.28
N PRO A 36 -7.31 9.30 0.75
CA PRO A 36 -7.36 10.78 0.62
C PRO A 36 -6.07 11.41 0.05
N PHE A 37 -4.93 10.94 0.51
CA PHE A 37 -3.66 11.49 0.07
C PHE A 37 -2.60 10.42 0.13
N ALA A 38 -2.57 9.72 1.25
CA ALA A 38 -1.61 8.67 1.47
C ALA A 38 -1.99 7.41 0.72
N ARG A 39 -1.93 7.53 -0.58
CA ARG A 39 -2.14 6.45 -1.49
C ARG A 39 -0.89 5.62 -1.59
N CYS A 1 0.63 5.87 -0.63
CA CYS A 1 2.05 5.64 -0.88
C CYS A 1 2.14 4.73 -2.08
N GLU A 2 1.01 4.52 -2.65
CA GLU A 2 0.78 3.55 -3.68
C GLU A 2 1.00 4.16 -5.03
N ALA A 3 0.87 3.34 -6.04
CA ALA A 3 0.98 3.73 -7.39
C ALA A 3 0.34 2.64 -8.20
N ILE A 4 -0.19 3.00 -9.31
CA ILE A 4 -0.88 2.06 -10.15
C ILE A 4 0.04 1.61 -11.29
N TYR A 5 0.98 2.45 -11.64
CA TYR A 5 1.89 2.12 -12.72
C TYR A 5 3.08 1.36 -12.15
N ALA A 6 3.59 1.86 -11.06
CA ALA A 6 4.72 1.23 -10.40
C ALA A 6 4.46 1.11 -8.93
N ALA A 7 3.87 0.02 -8.54
CA ALA A 7 3.50 -0.18 -7.18
C ALA A 7 4.69 -0.62 -6.34
N PRO A 8 4.91 -0.02 -5.16
CA PRO A 8 5.94 -0.46 -4.24
C PRO A 8 5.58 -1.83 -3.69
N LYS A 9 6.46 -2.80 -3.86
CA LYS A 9 6.16 -4.14 -3.41
C LYS A 9 6.45 -4.29 -1.92
N CYS A 10 5.93 -5.32 -1.34
CA CYS A 10 6.08 -5.54 0.07
C CYS A 10 6.04 -7.03 0.37
N ARG A 11 6.60 -7.41 1.49
CA ARG A 11 6.46 -8.76 1.99
C ARG A 11 5.74 -8.69 3.31
N ARG A 12 5.99 -7.63 4.03
CA ARG A 12 5.33 -7.36 5.26
C ARG A 12 4.70 -6.02 5.22
N ASP A 13 3.74 -5.84 6.08
CA ASP A 13 2.96 -4.63 6.16
C ASP A 13 3.82 -3.44 6.50
N SER A 14 4.87 -3.69 7.24
CA SER A 14 5.78 -2.65 7.65
C SER A 14 6.64 -2.13 6.49
N ASP A 15 6.61 -2.83 5.37
CA ASP A 15 7.28 -2.36 4.15
C ASP A 15 6.49 -1.20 3.55
N CYS A 16 5.29 -1.02 4.04
CA CYS A 16 4.41 -0.02 3.57
C CYS A 16 4.23 1.05 4.65
N PRO A 17 4.46 2.33 4.32
CA PRO A 17 4.41 3.42 5.29
C PRO A 17 3.00 3.97 5.51
N GLY A 18 2.87 4.80 6.55
CA GLY A 18 1.62 5.45 6.86
C GLY A 18 0.48 4.50 7.07
N ALA A 19 -0.59 4.74 6.34
CA ALA A 19 -1.80 3.96 6.45
C ALA A 19 -1.86 2.89 5.38
N CYS A 20 -0.74 2.65 4.75
CA CYS A 20 -0.65 1.62 3.77
C CYS A 20 -0.39 0.30 4.46
N ILE A 21 -0.85 -0.76 3.86
CA ILE A 21 -0.61 -2.10 4.33
C ILE A 21 -0.09 -2.89 3.16
N CYS A 22 0.32 -4.08 3.41
CA CYS A 22 0.79 -4.91 2.35
C CYS A 22 -0.40 -5.72 1.86
N ARG A 23 -0.85 -5.45 0.66
CA ARG A 23 -2.02 -6.11 0.13
C ARG A 23 -1.64 -7.50 -0.33
N GLY A 24 -2.63 -8.35 -0.54
CA GLY A 24 -2.43 -9.74 -0.91
C GLY A 24 -1.89 -9.95 -2.33
N ASN A 25 -1.66 -8.87 -3.02
CA ASN A 25 -1.09 -8.91 -4.35
C ASN A 25 0.43 -8.85 -4.24
N GLY A 26 0.91 -8.34 -3.10
CA GLY A 26 2.32 -8.26 -2.83
C GLY A 26 2.83 -6.86 -2.96
N TYR A 27 1.91 -5.93 -2.98
CA TYR A 27 2.22 -4.56 -3.16
C TYR A 27 1.52 -3.70 -2.11
N CYS A 28 2.14 -2.60 -1.78
CA CYS A 28 1.63 -1.66 -0.79
C CYS A 28 0.37 -1.01 -1.27
N GLY A 29 -0.66 -1.15 -0.50
CA GLY A 29 -1.93 -0.58 -0.83
C GLY A 29 -2.61 -0.08 0.39
N GLU A 30 -3.60 0.74 0.22
CA GLU A 30 -4.37 1.27 1.30
C GLU A 30 -5.08 0.14 2.07
N ALA A 31 -5.33 0.40 3.33
CA ALA A 31 -5.89 -0.59 4.24
C ALA A 31 -7.38 -0.79 4.04
N ILE A 32 -8.01 0.23 3.48
CA ILE A 32 -9.44 0.23 3.26
C ILE A 32 -9.77 -0.73 2.09
N TYR A 33 -10.95 -1.33 2.14
CA TYR A 33 -11.36 -2.32 1.16
C TYR A 33 -12.03 -1.67 -0.05
N ALA A 34 -12.33 -0.40 0.09
CA ALA A 34 -12.88 0.41 -0.98
C ALA A 34 -11.74 0.77 -1.95
N ALA A 35 -12.03 1.55 -2.97
CA ALA A 35 -11.00 1.97 -3.91
C ALA A 35 -9.93 2.78 -3.18
N PRO A 36 -8.66 2.32 -3.19
CA PRO A 36 -7.55 2.99 -2.50
C PRO A 36 -7.36 4.44 -2.94
N PHE A 37 -6.78 5.22 -2.08
CA PHE A 37 -6.56 6.63 -2.33
C PHE A 37 -5.21 6.85 -3.02
N ALA A 38 -4.38 5.82 -3.03
CA ALA A 38 -3.02 5.85 -3.56
C ALA A 38 -2.15 6.70 -2.67
N ARG A 39 -2.04 6.25 -1.45
CA ARG A 39 -1.37 6.97 -0.39
C ARG A 39 0.11 7.00 -0.59
N CYS A 1 -0.06 4.31 -1.39
CA CYS A 1 1.24 4.04 -1.88
C CYS A 1 1.14 3.55 -3.31
N GLU A 2 1.44 4.42 -4.24
CA GLU A 2 1.49 4.06 -5.64
C GLU A 2 2.56 4.87 -6.33
N ALA A 3 3.15 4.28 -7.33
CA ALA A 3 4.19 4.85 -8.13
C ALA A 3 4.35 3.93 -9.30
N ILE A 4 4.66 4.47 -10.43
CA ILE A 4 4.70 3.68 -11.65
C ILE A 4 6.11 3.15 -11.95
N TYR A 5 7.12 3.87 -11.56
CA TYR A 5 8.48 3.42 -11.85
C TYR A 5 8.94 2.51 -10.75
N ALA A 6 8.63 2.90 -9.57
CA ALA A 6 8.96 2.11 -8.42
C ALA A 6 7.73 1.82 -7.61
N ALA A 7 7.00 0.80 -7.99
CA ALA A 7 5.80 0.43 -7.28
C ALA A 7 6.18 -0.37 -6.05
N PRO A 8 5.82 0.13 -4.86
CA PRO A 8 6.23 -0.44 -3.59
C PRO A 8 5.65 -1.83 -3.31
N LYS A 9 6.48 -2.83 -3.46
CA LYS A 9 6.11 -4.18 -3.15
C LYS A 9 6.35 -4.42 -1.68
N CYS A 10 5.64 -5.34 -1.11
CA CYS A 10 5.76 -5.60 0.30
C CYS A 10 6.01 -7.05 0.56
N ARG A 11 6.73 -7.32 1.62
CA ARG A 11 6.88 -8.66 2.12
C ARG A 11 6.15 -8.71 3.44
N ARG A 12 6.29 -7.62 4.17
CA ARG A 12 5.66 -7.40 5.45
C ARG A 12 4.94 -6.09 5.42
N ASP A 13 3.96 -5.95 6.28
CA ASP A 13 3.11 -4.78 6.33
C ASP A 13 3.89 -3.54 6.66
N SER A 14 4.94 -3.72 7.39
CA SER A 14 5.84 -2.66 7.79
C SER A 14 6.54 -2.02 6.59
N ASP A 15 6.62 -2.77 5.48
CA ASP A 15 7.21 -2.24 4.23
C ASP A 15 6.34 -1.16 3.66
N CYS A 16 5.15 -1.10 4.14
CA CYS A 16 4.19 -0.19 3.67
C CYS A 16 4.01 0.94 4.67
N PRO A 17 4.44 2.16 4.31
CA PRO A 17 4.35 3.31 5.19
C PRO A 17 2.96 3.96 5.19
N GLY A 18 2.80 5.00 5.99
CA GLY A 18 1.57 5.74 6.06
C GLY A 18 0.42 4.91 6.58
N ALA A 19 -0.53 4.63 5.72
CA ALA A 19 -1.69 3.86 6.07
C ALA A 19 -1.78 2.67 5.14
N CYS A 20 -0.67 2.39 4.49
CA CYS A 20 -0.59 1.30 3.60
C CYS A 20 -0.30 0.02 4.36
N ILE A 21 -0.87 -1.03 3.90
CA ILE A 21 -0.65 -2.33 4.44
C ILE A 21 -0.14 -3.19 3.32
N CYS A 22 0.23 -4.40 3.61
CA CYS A 22 0.72 -5.28 2.60
C CYS A 22 -0.47 -6.03 2.03
N ARG A 23 -0.84 -5.70 0.83
CA ARG A 23 -1.98 -6.29 0.21
C ARG A 23 -1.64 -7.64 -0.40
N GLY A 24 -2.68 -8.40 -0.74
CA GLY A 24 -2.53 -9.75 -1.28
C GLY A 24 -1.98 -9.77 -2.69
N ASN A 25 -1.83 -8.60 -3.25
CA ASN A 25 -1.28 -8.45 -4.59
C ASN A 25 0.23 -8.35 -4.50
N GLY A 26 0.72 -8.11 -3.30
CA GLY A 26 2.13 -8.07 -3.05
C GLY A 26 2.65 -6.67 -3.07
N TYR A 27 1.75 -5.74 -3.00
CA TYR A 27 2.04 -4.35 -3.04
C TYR A 27 1.52 -3.64 -1.82
N CYS A 28 2.15 -2.55 -1.53
CA CYS A 28 1.74 -1.70 -0.45
C CYS A 28 0.61 -0.82 -0.88
N GLY A 29 -0.50 -0.95 -0.22
CA GLY A 29 -1.62 -0.15 -0.57
C GLY A 29 -2.45 0.14 0.62
N GLU A 30 -3.26 1.17 0.53
CA GLU A 30 -4.16 1.56 1.59
C GLU A 30 -5.18 0.43 1.82
N ALA A 31 -5.72 0.39 3.01
CA ALA A 31 -6.58 -0.69 3.43
C ALA A 31 -7.87 -0.68 2.67
N ILE A 32 -8.52 0.43 2.69
CA ILE A 32 -9.73 0.59 1.95
C ILE A 32 -9.54 1.76 1.04
N TYR A 33 -9.99 1.63 -0.16
CA TYR A 33 -9.81 2.65 -1.13
C TYR A 33 -11.06 3.50 -1.27
N ALA A 34 -11.18 4.45 -0.39
CA ALA A 34 -12.23 5.42 -0.45
C ALA A 34 -11.65 6.79 -0.19
N ALA A 35 -11.54 7.16 1.06
CA ALA A 35 -10.91 8.39 1.45
C ALA A 35 -9.40 8.17 1.46
N PRO A 36 -8.64 8.88 0.63
CA PRO A 36 -7.20 8.73 0.60
C PRO A 36 -6.56 9.37 1.83
N PHE A 37 -5.86 8.59 2.59
CA PHE A 37 -5.19 9.11 3.76
C PHE A 37 -3.73 9.02 3.50
N ALA A 38 -3.29 7.85 3.18
CA ALA A 38 -1.92 7.59 2.89
C ALA A 38 -1.81 6.35 2.06
N ARG A 39 -1.89 6.54 0.78
CA ARG A 39 -1.76 5.46 -0.18
C ARG A 39 -0.34 5.36 -0.68
N CYS A 1 -0.82 6.48 0.53
CA CYS A 1 0.44 5.76 0.18
C CYS A 1 0.29 4.42 -0.61
N GLU A 2 -0.64 4.38 -1.53
CA GLU A 2 -0.92 3.25 -2.36
C GLU A 2 -0.06 3.39 -3.63
N ALA A 3 -0.15 2.43 -4.52
CA ALA A 3 0.49 2.48 -5.79
C ALA A 3 -0.12 3.59 -6.62
N ILE A 4 0.54 4.69 -6.61
CA ILE A 4 0.13 5.84 -7.39
C ILE A 4 1.14 6.06 -8.49
N TYR A 5 2.30 6.42 -8.07
CA TYR A 5 3.41 6.75 -8.94
C TYR A 5 4.16 5.51 -9.25
N ALA A 6 4.23 4.69 -8.27
CA ALA A 6 4.95 3.46 -8.38
C ALA A 6 4.25 2.43 -7.56
N ALA A 7 4.25 1.22 -8.04
CA ALA A 7 3.70 0.10 -7.33
C ALA A 7 4.73 -0.39 -6.32
N PRO A 8 4.54 -0.11 -5.02
CA PRO A 8 5.47 -0.50 -3.99
C PRO A 8 5.23 -1.92 -3.55
N LYS A 9 6.19 -2.75 -3.77
CA LYS A 9 6.10 -4.15 -3.40
C LYS A 9 6.40 -4.32 -1.92
N CYS A 10 5.90 -5.37 -1.34
CA CYS A 10 6.06 -5.60 0.07
C CYS A 10 6.22 -7.07 0.37
N ARG A 11 6.72 -7.35 1.56
CA ARG A 11 6.77 -8.69 2.10
C ARG A 11 6.03 -8.67 3.43
N ARG A 12 6.28 -7.61 4.15
CA ARG A 12 5.66 -7.35 5.42
C ARG A 12 4.89 -6.07 5.34
N ASP A 13 3.90 -5.95 6.17
CA ASP A 13 3.02 -4.80 6.16
C ASP A 13 3.74 -3.56 6.58
N SER A 14 4.73 -3.76 7.38
CA SER A 14 5.62 -2.73 7.84
C SER A 14 6.52 -2.17 6.73
N ASP A 15 6.54 -2.85 5.59
CA ASP A 15 7.23 -2.31 4.39
C ASP A 15 6.47 -1.13 3.87
N CYS A 16 5.20 -1.09 4.18
CA CYS A 16 4.32 -0.10 3.69
C CYS A 16 4.19 1.03 4.71
N PRO A 17 4.52 2.26 4.30
CA PRO A 17 4.47 3.42 5.18
C PRO A 17 3.07 4.06 5.22
N GLY A 18 3.00 5.27 5.77
CA GLY A 18 1.77 6.01 5.88
C GLY A 18 0.78 5.30 6.78
N ALA A 19 -0.26 4.82 6.18
CA ALA A 19 -1.26 4.05 6.87
C ALA A 19 -1.62 2.88 5.99
N CYS A 20 -0.74 2.57 5.09
CA CYS A 20 -0.95 1.57 4.10
C CYS A 20 -0.45 0.22 4.56
N ILE A 21 -1.05 -0.81 4.01
CA ILE A 21 -0.77 -2.18 4.37
C ILE A 21 -0.31 -2.95 3.14
N CYS A 22 0.08 -4.18 3.35
CA CYS A 22 0.58 -5.03 2.30
C CYS A 22 -0.54 -5.95 1.83
N ARG A 23 -1.01 -5.75 0.63
CA ARG A 23 -2.11 -6.50 0.09
C ARG A 23 -1.64 -7.83 -0.49
N GLY A 24 -2.60 -8.68 -0.82
CA GLY A 24 -2.32 -10.03 -1.31
C GLY A 24 -1.77 -10.05 -2.73
N ASN A 25 -1.64 -8.90 -3.32
CA ASN A 25 -1.09 -8.76 -4.65
C ASN A 25 0.42 -8.60 -4.53
N GLY A 26 0.88 -8.30 -3.33
CA GLY A 26 2.29 -8.21 -3.07
C GLY A 26 2.75 -6.80 -3.09
N TYR A 27 1.80 -5.91 -3.02
CA TYR A 27 2.04 -4.52 -3.09
C TYR A 27 1.38 -3.82 -1.92
N CYS A 28 1.90 -2.68 -1.61
CA CYS A 28 1.37 -1.83 -0.59
C CYS A 28 0.20 -1.07 -1.14
N GLY A 29 -0.80 -0.91 -0.33
CA GLY A 29 -1.95 -0.20 -0.72
C GLY A 29 -2.61 0.35 0.47
N GLU A 30 -3.56 1.22 0.27
CA GLU A 30 -4.29 1.80 1.35
C GLU A 30 -5.09 0.72 2.07
N ALA A 31 -5.51 1.01 3.28
CA ALA A 31 -6.25 0.03 4.10
C ALA A 31 -7.61 -0.21 3.51
N ILE A 32 -8.08 0.80 2.82
CA ILE A 32 -9.34 0.74 2.14
C ILE A 32 -9.05 0.29 0.71
N TYR A 33 -9.87 -0.54 0.17
CA TYR A 33 -9.63 -1.09 -1.16
C TYR A 33 -10.06 -0.08 -2.23
N ALA A 34 -11.08 0.68 -1.93
CA ALA A 34 -11.51 1.76 -2.78
C ALA A 34 -11.14 3.06 -2.11
N ALA A 35 -9.92 3.51 -2.37
CA ALA A 35 -9.35 4.69 -1.76
C ALA A 35 -10.18 5.95 -2.06
N PRO A 36 -10.57 6.68 -0.99
CA PRO A 36 -11.28 7.96 -1.12
C PRO A 36 -10.56 8.95 -2.01
N PHE A 37 -9.26 8.96 -1.95
CA PHE A 37 -8.50 9.81 -2.81
C PHE A 37 -7.36 9.01 -3.35
N ALA A 38 -6.32 8.86 -2.54
CA ALA A 38 -5.13 8.09 -2.85
C ALA A 38 -4.06 8.39 -1.82
N ARG A 39 -4.06 7.64 -0.75
CA ARG A 39 -2.95 7.70 0.20
C ARG A 39 -1.73 6.93 -0.35
N CYS A 1 -3.30 6.01 0.41
CA CYS A 1 -2.37 5.41 -0.45
C CYS A 1 -2.89 5.74 -1.80
N GLU A 2 -2.26 6.63 -2.46
CA GLU A 2 -2.74 7.11 -3.73
C GLU A 2 -2.19 6.21 -4.81
N ALA A 3 -1.04 5.69 -4.57
CA ALA A 3 -0.46 4.77 -5.48
C ALA A 3 -0.89 3.38 -5.08
N ILE A 4 -1.95 2.92 -5.67
CA ILE A 4 -2.46 1.58 -5.41
C ILE A 4 -2.08 0.67 -6.56
N TYR A 5 -2.05 1.24 -7.73
CA TYR A 5 -1.68 0.50 -8.93
C TYR A 5 -0.18 0.62 -9.10
N ALA A 6 0.30 1.83 -8.86
CA ALA A 6 1.71 2.16 -8.94
C ALA A 6 2.30 2.12 -7.54
N ALA A 7 1.80 1.18 -6.78
CA ALA A 7 2.18 0.97 -5.40
C ALA A 7 3.53 0.29 -5.33
N PRO A 8 4.26 0.50 -4.25
CA PRO A 8 5.51 -0.19 -4.02
C PRO A 8 5.24 -1.62 -3.55
N LYS A 9 6.21 -2.47 -3.67
CA LYS A 9 6.08 -3.83 -3.23
C LYS A 9 6.25 -3.93 -1.76
N CYS A 10 5.53 -4.82 -1.16
CA CYS A 10 5.58 -5.02 0.25
C CYS A 10 5.97 -6.44 0.55
N ARG A 11 6.66 -6.63 1.63
CA ARG A 11 7.00 -7.95 2.08
C ARG A 11 6.17 -8.21 3.34
N ARG A 12 5.93 -7.15 4.06
CA ARG A 12 5.06 -7.09 5.21
C ARG A 12 4.39 -5.77 5.22
N ASP A 13 3.30 -5.70 5.93
CA ASP A 13 2.47 -4.51 6.03
C ASP A 13 3.27 -3.37 6.57
N SER A 14 4.11 -3.69 7.50
CA SER A 14 4.91 -2.71 8.18
C SER A 14 5.96 -2.06 7.30
N ASP A 15 6.27 -2.67 6.18
CA ASP A 15 7.22 -2.03 5.27
C ASP A 15 6.54 -1.13 4.26
N CYS A 16 5.25 -0.95 4.41
CA CYS A 16 4.53 -0.07 3.56
C CYS A 16 4.54 1.36 4.10
N PRO A 17 4.58 2.37 3.20
CA PRO A 17 4.61 3.78 3.58
C PRO A 17 3.43 4.19 4.46
N GLY A 18 3.74 4.90 5.52
CA GLY A 18 2.76 5.41 6.44
C GLY A 18 2.03 4.31 7.17
N ALA A 19 0.81 4.10 6.79
CA ALA A 19 0.00 3.10 7.41
C ALA A 19 -0.66 2.22 6.34
N CYS A 20 -0.13 2.29 5.11
CA CYS A 20 -0.64 1.44 4.04
C CYS A 20 -0.40 -0.02 4.40
N ILE A 21 -1.23 -0.89 3.94
CA ILE A 21 -1.10 -2.30 4.26
C ILE A 21 -0.54 -3.04 3.07
N CYS A 22 -0.18 -4.27 3.28
CA CYS A 22 0.37 -5.10 2.23
C CYS A 22 -0.75 -5.97 1.68
N ARG A 23 -0.99 -5.88 0.40
CA ARG A 23 -2.07 -6.60 -0.20
C ARG A 23 -1.59 -7.98 -0.64
N GLY A 24 -2.54 -8.86 -0.96
CA GLY A 24 -2.23 -10.24 -1.34
C GLY A 24 -1.46 -10.38 -2.64
N ASN A 25 -1.31 -9.29 -3.34
CA ASN A 25 -0.55 -9.27 -4.57
C ASN A 25 0.92 -8.98 -4.27
N GLY A 26 1.17 -8.33 -3.17
CA GLY A 26 2.53 -8.04 -2.80
C GLY A 26 2.86 -6.58 -3.00
N TYR A 27 1.84 -5.79 -3.07
CA TYR A 27 1.96 -4.37 -3.21
C TYR A 27 1.18 -3.70 -2.09
N CYS A 28 1.54 -2.50 -1.76
CA CYS A 28 0.88 -1.77 -0.69
C CYS A 28 -0.44 -1.14 -1.15
N GLY A 29 -1.36 -0.95 -0.23
CA GLY A 29 -2.63 -0.32 -0.56
C GLY A 29 -3.27 0.25 0.68
N GLU A 30 -4.47 0.86 0.51
CA GLU A 30 -5.21 1.48 1.60
C GLU A 30 -5.54 0.46 2.68
N ALA A 31 -5.62 0.92 3.88
CA ALA A 31 -5.80 0.08 5.04
C ALA A 31 -7.18 -0.52 5.05
N ILE A 32 -8.16 0.34 4.90
CA ILE A 32 -9.54 -0.07 4.83
C ILE A 32 -10.18 0.78 3.76
N TYR A 33 -10.82 0.17 2.86
CA TYR A 33 -11.40 0.85 1.73
C TYR A 33 -12.78 1.34 2.04
N ALA A 34 -12.83 2.51 2.60
CA ALA A 34 -14.05 3.18 2.91
C ALA A 34 -13.75 4.67 2.90
N ALA A 35 -13.42 5.20 4.04
CA ALA A 35 -12.93 6.56 4.13
C ALA A 35 -11.44 6.53 3.80
N PRO A 36 -10.88 7.57 3.20
CA PRO A 36 -9.43 7.62 3.00
C PRO A 36 -8.75 7.73 4.36
N PHE A 37 -8.07 6.69 4.75
CA PHE A 37 -7.52 6.59 6.09
C PHE A 37 -6.02 6.72 6.08
N ALA A 38 -5.38 5.76 5.49
CA ALA A 38 -3.97 5.69 5.44
C ALA A 38 -3.54 5.98 4.04
N ARG A 39 -4.26 6.94 3.44
CA ARG A 39 -4.23 7.30 2.02
C ARG A 39 -3.03 6.85 1.28
N CYS A 1 -2.95 3.91 -2.05
CA CYS A 1 -1.56 3.91 -1.72
C CYS A 1 -0.95 3.53 -3.02
N GLU A 2 -0.65 4.51 -3.81
CA GLU A 2 -0.40 4.26 -5.18
C GLU A 2 0.77 5.04 -5.70
N ALA A 3 1.35 4.51 -6.73
CA ALA A 3 2.42 5.08 -7.46
C ALA A 3 2.41 4.37 -8.79
N ILE A 4 2.49 5.10 -9.84
CA ILE A 4 2.36 4.51 -11.16
C ILE A 4 3.72 4.22 -11.78
N TYR A 5 4.75 4.88 -11.30
CA TYR A 5 6.06 4.67 -11.89
C TYR A 5 6.74 3.49 -11.20
N ALA A 6 6.58 3.43 -9.89
CA ALA A 6 7.10 2.34 -9.10
C ALA A 6 6.23 2.16 -7.88
N ALA A 7 5.38 1.15 -7.92
CA ALA A 7 4.46 0.91 -6.83
C ALA A 7 5.16 0.20 -5.68
N PRO A 8 4.93 0.66 -4.44
CA PRO A 8 5.56 0.07 -3.25
C PRO A 8 5.19 -1.41 -3.07
N LYS A 9 6.19 -2.25 -3.09
CA LYS A 9 6.02 -3.68 -2.90
C LYS A 9 6.12 -3.99 -1.43
N CYS A 10 5.57 -5.09 -1.01
CA CYS A 10 5.61 -5.44 0.38
C CYS A 10 5.94 -6.90 0.57
N ARG A 11 6.71 -7.19 1.56
CA ARG A 11 6.98 -8.53 2.00
C ARG A 11 6.24 -8.72 3.31
N ARG A 12 6.17 -7.63 4.03
CA ARG A 12 5.44 -7.49 5.24
C ARG A 12 4.78 -6.16 5.26
N ASP A 13 3.80 -6.03 6.08
CA ASP A 13 3.01 -4.83 6.20
C ASP A 13 3.84 -3.66 6.65
N SER A 14 4.86 -3.94 7.40
CA SER A 14 5.75 -2.91 7.90
C SER A 14 6.59 -2.26 6.80
N ASP A 15 6.65 -2.93 5.65
CA ASP A 15 7.33 -2.33 4.46
C ASP A 15 6.54 -1.15 3.96
N CYS A 16 5.29 -1.13 4.28
CA CYS A 16 4.38 -0.15 3.80
C CYS A 16 4.33 1.07 4.70
N PRO A 17 4.60 2.26 4.14
CA PRO A 17 4.58 3.51 4.89
C PRO A 17 3.17 4.08 5.02
N GLY A 18 3.06 5.22 5.69
CA GLY A 18 1.79 5.88 5.86
C GLY A 18 0.80 5.03 6.58
N ALA A 19 -0.33 4.82 5.97
CA ALA A 19 -1.35 3.96 6.49
C ALA A 19 -1.49 2.75 5.60
N CYS A 20 -0.55 2.60 4.70
CA CYS A 20 -0.59 1.55 3.74
C CYS A 20 -0.30 0.21 4.40
N ILE A 21 -0.92 -0.81 3.90
CA ILE A 21 -0.72 -2.16 4.38
C ILE A 21 -0.36 -3.05 3.22
N CYS A 22 0.02 -4.26 3.50
CA CYS A 22 0.46 -5.17 2.48
C CYS A 22 -0.73 -5.95 1.94
N ARG A 23 -1.04 -5.73 0.68
CA ARG A 23 -2.15 -6.38 0.03
C ARG A 23 -1.70 -7.73 -0.53
N GLY A 24 -2.66 -8.53 -0.92
CA GLY A 24 -2.40 -9.90 -1.39
C GLY A 24 -1.73 -9.97 -2.76
N ASN A 25 -1.53 -8.83 -3.34
CA ASN A 25 -0.84 -8.72 -4.60
C ASN A 25 0.67 -8.54 -4.38
N GLY A 26 1.05 -8.16 -3.18
CA GLY A 26 2.46 -8.01 -2.87
C GLY A 26 2.87 -6.57 -2.98
N TYR A 27 1.89 -5.73 -2.93
CA TYR A 27 2.04 -4.32 -3.00
C TYR A 27 1.35 -3.67 -1.84
N CYS A 28 1.81 -2.52 -1.49
CA CYS A 28 1.23 -1.76 -0.42
C CYS A 28 -0.01 -1.04 -0.91
N GLY A 29 -1.11 -1.24 -0.23
CA GLY A 29 -2.34 -0.62 -0.58
C GLY A 29 -2.92 0.09 0.60
N GLU A 30 -4.08 0.69 0.42
CA GLU A 30 -4.74 1.40 1.49
C GLU A 30 -5.19 0.43 2.59
N ALA A 31 -5.35 0.94 3.78
CA ALA A 31 -5.71 0.13 4.92
C ALA A 31 -7.18 -0.17 4.94
N ILE A 32 -7.96 0.86 4.88
CA ILE A 32 -9.38 0.77 5.04
C ILE A 32 -10.08 1.16 3.75
N TYR A 33 -11.22 0.61 3.51
CA TYR A 33 -11.99 0.95 2.35
C TYR A 33 -12.76 2.22 2.65
N ALA A 34 -12.77 3.13 1.68
CA ALA A 34 -13.40 4.45 1.79
C ALA A 34 -12.60 5.33 2.75
N ALA A 35 -11.33 5.00 2.89
CA ALA A 35 -10.41 5.72 3.77
C ALA A 35 -10.04 7.11 3.17
N PRO A 36 -9.42 8.03 3.98
CA PRO A 36 -9.05 9.41 3.53
C PRO A 36 -8.44 9.49 2.12
N PHE A 37 -7.46 8.67 1.84
CA PHE A 37 -6.83 8.71 0.55
C PHE A 37 -7.43 7.64 -0.34
N ALA A 38 -7.72 6.48 0.26
CA ALA A 38 -8.40 5.33 -0.37
C ALA A 38 -7.50 4.63 -1.36
N ARG A 39 -6.25 4.94 -1.25
CA ARG A 39 -5.23 4.45 -2.10
C ARG A 39 -3.91 4.41 -1.36
N CYS A 1 -2.37 5.14 -1.64
CA CYS A 1 -1.21 5.82 -1.05
C CYS A 1 0.07 5.20 -1.58
N GLU A 2 -0.08 4.46 -2.64
CA GLU A 2 0.99 3.69 -3.21
C GLU A 2 1.59 4.44 -4.38
N ALA A 3 2.79 4.05 -4.75
CA ALA A 3 3.46 4.59 -5.84
C ALA A 3 3.06 3.78 -7.04
N ILE A 4 2.50 4.44 -7.96
CA ILE A 4 1.90 3.80 -9.13
C ILE A 4 2.91 3.60 -10.26
N TYR A 5 3.89 4.44 -10.34
CA TYR A 5 4.88 4.29 -11.38
C TYR A 5 5.98 3.40 -10.85
N ALA A 6 6.33 3.64 -9.62
CA ALA A 6 7.31 2.85 -8.96
C ALA A 6 6.60 1.91 -8.02
N ALA A 7 6.07 0.84 -8.59
CA ALA A 7 5.26 -0.14 -7.88
C ALA A 7 5.99 -0.69 -6.65
N PRO A 8 5.46 -0.45 -5.45
CA PRO A 8 6.06 -0.91 -4.24
C PRO A 8 5.57 -2.30 -3.85
N LYS A 9 6.43 -3.28 -3.99
CA LYS A 9 6.09 -4.62 -3.61
C LYS A 9 6.43 -4.83 -2.15
N CYS A 10 5.63 -5.60 -1.50
CA CYS A 10 5.77 -5.77 -0.08
C CYS A 10 5.86 -7.22 0.29
N ARG A 11 6.48 -7.44 1.39
CA ARG A 11 6.51 -8.74 2.02
C ARG A 11 5.78 -8.61 3.34
N ARG A 12 5.94 -7.47 3.93
CA ARG A 12 5.31 -7.11 5.16
C ARG A 12 4.66 -5.78 5.05
N ASP A 13 3.72 -5.53 5.90
CA ASP A 13 2.96 -4.31 5.90
C ASP A 13 3.85 -3.14 6.18
N SER A 14 4.83 -3.40 7.00
CA SER A 14 5.82 -2.43 7.40
C SER A 14 6.74 -1.99 6.25
N ASP A 15 6.59 -2.62 5.11
CA ASP A 15 7.25 -2.18 3.88
C ASP A 15 6.79 -0.80 3.52
N CYS A 16 5.51 -0.57 3.70
CA CYS A 16 4.91 0.66 3.40
C CYS A 16 4.06 1.08 4.59
N PRO A 17 4.58 1.94 5.45
CA PRO A 17 3.95 2.29 6.73
C PRO A 17 2.82 3.31 6.64
N GLY A 18 2.46 3.82 7.82
CA GLY A 18 1.46 4.84 7.97
C GLY A 18 0.10 4.37 7.55
N ALA A 19 -0.38 4.92 6.47
CA ALA A 19 -1.68 4.65 5.97
C ALA A 19 -1.68 3.45 5.03
N CYS A 20 -0.53 3.05 4.59
CA CYS A 20 -0.45 1.99 3.64
C CYS A 20 -0.31 0.65 4.33
N ILE A 21 -0.73 -0.40 3.66
CA ILE A 21 -0.56 -1.76 4.14
C ILE A 21 0.02 -2.60 3.01
N CYS A 22 0.24 -3.85 3.29
CA CYS A 22 0.70 -4.80 2.30
C CYS A 22 -0.50 -5.59 1.86
N ARG A 23 -0.74 -5.65 0.58
CA ARG A 23 -1.87 -6.36 0.06
C ARG A 23 -1.48 -7.80 -0.25
N GLY A 24 -2.48 -8.62 -0.45
CA GLY A 24 -2.28 -10.03 -0.75
C GLY A 24 -1.75 -10.26 -2.16
N ASN A 25 -1.67 -9.20 -2.93
CA ASN A 25 -1.17 -9.27 -4.29
C ASN A 25 0.34 -9.09 -4.27
N GLY A 26 0.86 -8.67 -3.11
CA GLY A 26 2.28 -8.57 -2.92
C GLY A 26 2.75 -7.17 -3.10
N TYR A 27 1.83 -6.26 -3.15
CA TYR A 27 2.09 -4.88 -3.33
C TYR A 27 1.48 -4.07 -2.22
N CYS A 28 2.00 -2.91 -1.99
CA CYS A 28 1.48 -2.03 -0.97
C CYS A 28 0.24 -1.30 -1.47
N GLY A 29 -0.49 -0.68 -0.58
CA GLY A 29 -1.61 0.13 -0.98
C GLY A 29 -2.44 0.56 0.17
N GLU A 30 -3.54 1.25 -0.14
CA GLU A 30 -4.50 1.68 0.84
C GLU A 30 -5.10 0.46 1.56
N ALA A 31 -5.56 0.67 2.74
CA ALA A 31 -6.10 -0.36 3.61
C ALA A 31 -7.54 -0.73 3.26
N ILE A 32 -7.98 -0.34 2.10
CA ILE A 32 -9.29 -0.75 1.63
C ILE A 32 -9.08 -2.00 0.81
N TYR A 33 -9.83 -2.99 1.12
CA TYR A 33 -9.70 -4.28 0.50
C TYR A 33 -10.57 -4.41 -0.72
N ALA A 34 -11.58 -3.58 -0.78
CA ALA A 34 -12.44 -3.49 -1.93
C ALA A 34 -11.79 -2.54 -2.93
N ALA A 35 -12.54 -2.11 -3.93
CA ALA A 35 -12.02 -1.16 -4.91
C ALA A 35 -11.71 0.18 -4.22
N PRO A 36 -10.43 0.57 -4.17
CA PRO A 36 -10.01 1.81 -3.53
C PRO A 36 -10.10 2.99 -4.50
N PHE A 37 -9.63 4.13 -4.08
CA PHE A 37 -9.69 5.33 -4.87
C PHE A 37 -8.49 6.18 -4.53
N ALA A 38 -8.40 6.55 -3.28
CA ALA A 38 -7.27 7.31 -2.80
C ALA A 38 -6.19 6.37 -2.33
N ARG A 39 -5.46 5.83 -3.25
CA ARG A 39 -4.39 4.96 -2.94
C ARG A 39 -3.19 5.77 -2.42
N CYS A 1 -0.25 5.59 -1.60
CA CYS A 1 1.07 5.03 -1.56
C CYS A 1 1.23 4.01 -2.67
N GLU A 2 0.25 3.98 -3.53
CA GLU A 2 0.21 3.04 -4.61
C GLU A 2 0.93 3.63 -5.82
N ALA A 3 1.05 2.85 -6.85
CA ALA A 3 1.66 3.25 -8.08
C ALA A 3 1.14 2.36 -9.17
N ILE A 4 0.73 2.94 -10.23
CA ILE A 4 0.10 2.23 -11.32
C ILE A 4 1.15 1.76 -12.32
N TYR A 5 2.26 2.47 -12.39
CA TYR A 5 3.28 2.16 -13.36
C TYR A 5 4.24 1.14 -12.78
N ALA A 6 4.54 1.33 -11.54
CA ALA A 6 5.43 0.44 -10.83
C ALA A 6 5.03 0.37 -9.38
N ALA A 7 4.13 -0.54 -9.10
CA ALA A 7 3.60 -0.72 -7.76
C ALA A 7 4.69 -1.16 -6.78
N PRO A 8 4.73 -0.57 -5.58
CA PRO A 8 5.70 -0.94 -4.56
C PRO A 8 5.37 -2.30 -3.95
N LYS A 9 6.30 -3.23 -4.02
CA LYS A 9 6.10 -4.56 -3.48
C LYS A 9 6.24 -4.53 -1.99
N CYS A 10 5.49 -5.36 -1.32
CA CYS A 10 5.52 -5.39 0.12
C CYS A 10 5.98 -6.74 0.61
N ARG A 11 6.67 -6.76 1.72
CA ARG A 11 7.01 -8.01 2.35
C ARG A 11 6.15 -8.11 3.59
N ARG A 12 6.09 -7.02 4.29
CA ARG A 12 5.29 -6.87 5.45
C ARG A 12 4.61 -5.54 5.41
N ASP A 13 3.51 -5.46 6.09
CA ASP A 13 2.68 -4.28 6.12
C ASP A 13 3.45 -3.09 6.63
N SER A 14 4.32 -3.36 7.55
CA SER A 14 5.15 -2.36 8.16
C SER A 14 6.18 -1.72 7.22
N ASP A 15 6.43 -2.33 6.09
CA ASP A 15 7.36 -1.71 5.12
C ASP A 15 6.61 -0.82 4.15
N CYS A 16 5.31 -0.81 4.26
CA CYS A 16 4.48 0.00 3.42
C CYS A 16 4.25 1.37 4.07
N PRO A 17 4.33 2.47 3.26
CA PRO A 17 4.20 3.87 3.74
C PRO A 17 3.03 4.10 4.69
N GLY A 18 3.35 4.59 5.86
CA GLY A 18 2.37 4.93 6.86
C GLY A 18 1.56 3.75 7.30
N ALA A 19 0.28 3.84 7.09
CA ALA A 19 -0.64 2.83 7.50
C ALA A 19 -1.09 1.98 6.32
N CYS A 20 -0.42 2.16 5.18
CA CYS A 20 -0.69 1.35 4.02
C CYS A 20 -0.35 -0.08 4.34
N ILE A 21 -1.08 -0.98 3.79
CA ILE A 21 -0.92 -2.36 4.14
C ILE A 21 -0.35 -3.15 2.98
N CYS A 22 0.07 -4.34 3.28
CA CYS A 22 0.62 -5.22 2.29
C CYS A 22 -0.51 -6.07 1.76
N ARG A 23 -0.94 -5.77 0.58
CA ARG A 23 -2.07 -6.43 0.01
C ARG A 23 -1.71 -7.77 -0.56
N GLY A 24 -2.72 -8.56 -0.82
CA GLY A 24 -2.56 -9.94 -1.29
C GLY A 24 -1.98 -10.05 -2.68
N ASN A 25 -1.83 -8.92 -3.33
CA ASN A 25 -1.28 -8.88 -4.67
C ASN A 25 0.23 -8.77 -4.58
N GLY A 26 0.71 -8.43 -3.40
CA GLY A 26 2.13 -8.40 -3.14
C GLY A 26 2.65 -7.01 -3.17
N TYR A 27 1.74 -6.08 -3.21
CA TYR A 27 2.07 -4.72 -3.30
C TYR A 27 1.45 -3.93 -2.16
N CYS A 28 2.08 -2.86 -1.80
CA CYS A 28 1.59 -1.97 -0.78
C CYS A 28 0.44 -1.17 -1.33
N GLY A 29 -0.48 -0.86 -0.49
CA GLY A 29 -1.55 -0.03 -0.89
C GLY A 29 -2.35 0.38 0.29
N GLU A 30 -3.08 1.44 0.13
CA GLU A 30 -3.95 1.92 1.15
C GLU A 30 -5.06 0.88 1.43
N ALA A 31 -5.70 1.00 2.58
CA ALA A 31 -6.72 0.08 3.05
C ALA A 31 -8.07 0.31 2.33
N ILE A 32 -7.99 0.50 1.05
CA ILE A 32 -9.12 0.72 0.21
C ILE A 32 -9.55 -0.63 -0.32
N TYR A 33 -10.79 -0.92 -0.22
CA TYR A 33 -11.31 -2.17 -0.72
C TYR A 33 -11.97 -1.97 -2.08
N ALA A 34 -12.06 -0.73 -2.45
CA ALA A 34 -12.54 -0.32 -3.75
C ALA A 34 -11.32 -0.05 -4.64
N ALA A 35 -11.50 0.74 -5.69
CA ALA A 35 -10.40 1.10 -6.58
C ALA A 35 -9.39 2.00 -5.85
N PRO A 36 -8.07 1.71 -5.99
CA PRO A 36 -6.99 2.51 -5.37
C PRO A 36 -7.07 4.00 -5.74
N PHE A 37 -6.65 4.82 -4.82
CA PHE A 37 -6.71 6.27 -5.00
C PHE A 37 -5.29 6.81 -5.18
N ALA A 38 -4.33 5.93 -4.97
CA ALA A 38 -2.92 6.22 -5.06
C ALA A 38 -2.48 7.08 -3.90
N ARG A 39 -2.44 6.48 -2.76
CA ARG A 39 -1.93 7.11 -1.58
C ARG A 39 -0.49 6.82 -1.53
N CYS A 1 -0.54 5.25 -0.61
CA CYS A 1 0.22 6.27 0.09
C CYS A 1 1.71 6.17 -0.13
N GLU A 2 2.09 5.18 -0.87
CA GLU A 2 3.49 4.96 -1.19
C GLU A 2 3.80 5.50 -2.55
N ALA A 3 3.05 5.04 -3.53
CA ALA A 3 3.18 5.42 -4.88
C ALA A 3 1.87 5.08 -5.55
N ILE A 4 1.46 5.90 -6.45
CA ILE A 4 0.18 5.72 -7.10
C ILE A 4 0.35 5.24 -8.53
N TYR A 5 1.32 5.77 -9.19
CA TYR A 5 1.59 5.41 -10.57
C TYR A 5 2.54 4.24 -10.55
N ALA A 6 3.49 4.32 -9.67
CA ALA A 6 4.48 3.28 -9.53
C ALA A 6 3.97 2.23 -8.57
N ALA A 7 4.16 0.98 -8.91
CA ALA A 7 3.74 -0.13 -8.08
C ALA A 7 4.75 -0.42 -6.96
N PRO A 8 4.41 -0.11 -5.69
CA PRO A 8 5.29 -0.40 -4.57
C PRO A 8 4.99 -1.80 -4.03
N LYS A 9 5.98 -2.65 -3.97
CA LYS A 9 5.73 -4.03 -3.54
C LYS A 9 6.11 -4.22 -2.09
N CYS A 10 5.38 -5.06 -1.41
CA CYS A 10 5.58 -5.28 0.00
C CYS A 10 5.81 -6.74 0.28
N ARG A 11 6.53 -7.02 1.33
CA ARG A 11 6.64 -8.37 1.84
C ARG A 11 5.90 -8.40 3.15
N ARG A 12 6.00 -7.31 3.85
CA ARG A 12 5.35 -7.09 5.11
C ARG A 12 4.71 -5.74 5.09
N ASP A 13 3.65 -5.61 5.84
CA ASP A 13 2.87 -4.40 5.90
C ASP A 13 3.73 -3.27 6.34
N SER A 14 4.55 -3.58 7.30
CA SER A 14 5.46 -2.66 7.91
C SER A 14 6.51 -2.10 6.97
N ASP A 15 6.75 -2.73 5.83
CA ASP A 15 7.74 -2.18 4.91
C ASP A 15 7.17 -1.02 4.08
N CYS A 16 5.88 -0.81 4.19
CA CYS A 16 5.24 0.32 3.60
C CYS A 16 4.45 1.07 4.67
N PRO A 17 4.94 2.22 5.10
CA PRO A 17 4.40 2.98 6.23
C PRO A 17 3.08 3.72 5.97
N GLY A 18 2.75 4.58 6.93
CA GLY A 18 1.60 5.40 6.85
C GLY A 18 0.33 4.62 6.86
N ALA A 19 -0.50 4.89 5.90
CA ALA A 19 -1.77 4.25 5.79
C ALA A 19 -1.68 3.02 4.90
N CYS A 20 -0.48 2.67 4.49
CA CYS A 20 -0.31 1.56 3.62
C CYS A 20 -0.02 0.29 4.38
N ILE A 21 -0.48 -0.77 3.80
CA ILE A 21 -0.38 -2.10 4.32
C ILE A 21 -0.02 -3.02 3.17
N CYS A 22 0.17 -4.27 3.46
CA CYS A 22 0.56 -5.20 2.45
C CYS A 22 -0.69 -5.94 1.98
N ARG A 23 -0.94 -5.91 0.70
CA ARG A 23 -2.09 -6.54 0.15
C ARG A 23 -1.72 -7.91 -0.42
N GLY A 24 -2.74 -8.69 -0.73
CA GLY A 24 -2.56 -10.08 -1.17
C GLY A 24 -1.92 -10.23 -2.54
N ASN A 25 -1.76 -9.14 -3.23
CA ASN A 25 -1.14 -9.13 -4.54
C ASN A 25 0.36 -8.93 -4.39
N GLY A 26 0.75 -8.47 -3.22
CA GLY A 26 2.14 -8.31 -2.89
C GLY A 26 2.56 -6.87 -3.04
N TYR A 27 1.59 -6.00 -3.07
CA TYR A 27 1.82 -4.62 -3.23
C TYR A 27 1.28 -3.81 -2.07
N CYS A 28 1.91 -2.68 -1.83
CA CYS A 28 1.57 -1.80 -0.75
C CYS A 28 0.37 -0.98 -1.13
N GLY A 29 -0.72 -1.26 -0.50
CA GLY A 29 -1.93 -0.55 -0.77
C GLY A 29 -2.36 0.15 0.45
N GLU A 30 -3.23 1.10 0.32
CA GLU A 30 -3.74 1.80 1.43
C GLU A 30 -4.81 0.92 2.06
N ALA A 31 -5.22 1.24 3.26
CA ALA A 31 -6.15 0.43 4.01
C ALA A 31 -7.46 0.31 3.27
N ILE A 32 -7.82 1.37 2.58
CA ILE A 32 -8.98 1.32 1.76
C ILE A 32 -8.59 1.12 0.31
N TYR A 33 -7.89 2.05 -0.20
CA TYR A 33 -7.52 2.07 -1.59
C TYR A 33 -6.22 1.30 -1.86
N ALA A 34 -6.37 0.06 -2.26
CA ALA A 34 -5.25 -0.80 -2.55
C ALA A 34 -4.90 -0.77 -4.03
N ALA A 35 -5.88 -0.40 -4.83
CA ALA A 35 -5.71 -0.32 -6.26
C ALA A 35 -4.90 0.94 -6.60
N PRO A 36 -4.21 0.96 -7.76
CA PRO A 36 -3.46 2.13 -8.19
C PRO A 36 -4.38 3.27 -8.55
N PHE A 37 -4.74 3.97 -7.54
CA PHE A 37 -5.58 5.12 -7.61
C PHE A 37 -5.22 6.06 -6.48
N ALA A 38 -5.18 5.51 -5.27
CA ALA A 38 -4.86 6.29 -4.10
C ALA A 38 -4.12 5.49 -3.04
N ARG A 39 -2.87 5.19 -3.30
CA ARG A 39 -2.03 4.50 -2.37
C ARG A 39 -1.12 5.53 -1.75
#